data_2ZU0
#
_entry.id   2ZU0
#
_cell.length_a   96.110
_cell.length_b   106.150
_cell.length_c   171.670
_cell.angle_alpha   90.00
_cell.angle_beta   90.00
_cell.angle_gamma   90.00
#
_symmetry.space_group_name_H-M   'P 21 21 21'
#
loop_
_entity.id
_entity.type
_entity.pdbx_description
1 polymer 'Protein sufD'
2 polymer 'Probable ATP-dependent transporter sufC'
3 non-polymer '2-(N-MORPHOLINO)-ETHANESULFONIC ACID'
4 water water
#
loop_
_entity_poly.entity_id
_entity_poly.type
_entity_poly.pdbx_seq_one_letter_code
_entity_poly.pdbx_strand_id
1 'polypeptide(L)'
;MAGLPNSSNALQQWHHLFEAEGTKRSPQAQQHLQQLLRTGLPTRKHENWKYTPLEGLINSQFVSIAGEISPQQRDALALT
LDSVRLVFVDGRYVPALSDATEGSGYEVSINDDRQGLPDAIQAEVFLHLTESLAQSVTHIAVKRGQRPAKPLLLMHITQG
VAGEEVNTAHYRHHLDLAEGAEATVIEHFVSLNDARHFTGARFTINVAANAHLQHIKLAFENPLSHHFAHNDLLLAEDAT
AFSHSFLLGGAVLRHNTSTQLNGENSTLRINSLAMPVKNEVCDTRTWLEHNKGFCNSRQLHKTIVSDKGRAVFNGLINVA
QHAIKTDGQMTNNNLLMGKLAEVDTKPQLEIYADDVKCSHGATVGRIDDEQIFYLRSRGINQQDAQQMIIYAFAAELTEA
LRDEGLKQQVLARIGQRLPGGAR
;
A,B
2 'polypeptide(L)'
;MGSSHHHHHSSGLVPRGSHMLSIKDLHVSVEDKAILRGLSLDVHPGEVHAIMGPNGSGKSTLSATLAGREDYEVTGGTVE
FKGKDLLALSPEDRAGEGIFMAFQYPVEIPGVSNQFFLQTALNAVRSYRGQETLDRFDFQDLMEEKIALLKMPEDLLTRS
VNVGFSGGEKKRNDILQMAVLEPELCILDESDSGLDIDALKVVADGVNSLRDGKRSFIIVTHYQRILDYIKPDYVHVLYQ
GRIVKSGDFTLVKQLEEQGYGWLTEQQ
;
C,D
#
loop_
_chem_comp.id
_chem_comp.type
_chem_comp.name
_chem_comp.formula
MES non-polymer '2-(N-MORPHOLINO)-ETHANESULFONIC ACID' 'C6 H13 N O4 S'
#
# COMPACT_ATOMS: atom_id res chain seq x y z
N SER A 8 2.63 30.89 -25.90
CA SER A 8 2.44 29.62 -26.66
C SER A 8 1.16 28.89 -26.28
N ASN A 9 0.48 28.33 -27.27
CA ASN A 9 -0.75 27.58 -27.08
C ASN A 9 -0.47 26.19 -27.64
N ALA A 10 -0.21 25.24 -26.74
CA ALA A 10 0.12 23.86 -27.14
C ALA A 10 -0.82 23.26 -28.17
N LEU A 11 -2.13 23.42 -27.94
CA LEU A 11 -3.11 22.88 -28.87
C LEU A 11 -2.96 23.54 -30.22
N GLN A 12 -2.69 24.84 -30.23
CA GLN A 12 -2.49 25.60 -31.46
C GLN A 12 -1.24 25.06 -32.16
N GLN A 13 -0.16 24.94 -31.41
CA GLN A 13 1.10 24.42 -31.94
C GLN A 13 0.91 23.07 -32.60
N TRP A 14 0.29 22.14 -31.87
CA TRP A 14 0.07 20.80 -32.42
C TRP A 14 -0.88 20.84 -33.61
N HIS A 15 -1.84 21.75 -33.56
CA HIS A 15 -2.79 21.90 -34.66
C HIS A 15 -1.98 22.31 -35.89
N HIS A 16 -1.03 23.22 -35.66
CA HIS A 16 -0.15 23.71 -36.71
C HIS A 16 0.68 22.57 -37.31
N LEU A 17 1.24 21.72 -36.45
CA LEU A 17 2.04 20.58 -36.92
C LEU A 17 1.19 19.64 -37.76
N PHE A 18 -0.09 19.53 -37.40
CA PHE A 18 -1.02 18.67 -38.13
C PHE A 18 -1.25 19.22 -39.54
N GLU A 19 -1.36 20.54 -39.65
CA GLU A 19 -1.60 21.19 -40.94
C GLU A 19 -0.36 21.51 -41.76
N ALA A 20 0.82 21.30 -41.17
CA ALA A 20 2.09 21.57 -41.84
C ALA A 20 2.05 21.31 -43.34
N GLU A 21 2.67 22.20 -44.11
CA GLU A 21 2.70 22.09 -45.56
C GLU A 21 3.31 20.74 -45.96
N GLY A 22 2.59 19.99 -46.78
CA GLY A 22 3.07 18.70 -47.21
C GLY A 22 2.75 17.59 -46.22
N THR A 23 1.46 17.39 -45.96
CA THR A 23 1.02 16.36 -45.03
C THR A 23 -0.34 15.81 -45.45
N LYS A 24 -0.33 14.60 -46.02
CA LYS A 24 -1.56 13.94 -46.44
C LYS A 24 -2.07 13.17 -45.23
N ARG A 25 -2.78 13.86 -44.34
CA ARG A 25 -3.29 13.23 -43.13
C ARG A 25 -4.54 12.41 -43.41
N SER A 26 -4.62 11.25 -42.77
CA SER A 26 -5.74 10.33 -42.91
C SER A 26 -7.01 10.84 -42.25
N PRO A 27 -8.17 10.26 -42.62
CA PRO A 27 -9.45 10.67 -42.02
C PRO A 27 -9.44 10.31 -40.53
N GLN A 28 -8.81 9.18 -40.21
CA GLN A 28 -8.70 8.71 -38.83
C GLN A 28 -7.97 9.76 -38.00
N ALA A 29 -6.85 10.23 -38.55
CA ALA A 29 -6.03 11.24 -37.88
C ALA A 29 -6.83 12.53 -37.70
N GLN A 30 -7.62 12.88 -38.70
CA GLN A 30 -8.44 14.09 -38.64
C GLN A 30 -9.49 14.01 -37.54
N GLN A 31 -10.11 12.83 -37.38
CA GLN A 31 -11.10 12.64 -36.33
C GLN A 31 -10.47 12.77 -34.94
N HIS A 32 -9.25 12.27 -34.78
CA HIS A 32 -8.57 12.36 -33.49
C HIS A 32 -8.14 13.79 -33.21
N LEU A 33 -7.83 14.54 -34.27
CA LEU A 33 -7.43 15.93 -34.13
C LEU A 33 -8.62 16.71 -33.55
N GLN A 34 -9.80 16.49 -34.12
CA GLN A 34 -11.01 17.15 -33.65
C GLN A 34 -11.28 16.80 -32.20
N GLN A 35 -11.13 15.52 -31.86
CA GLN A 35 -11.35 15.10 -30.48
C GLN A 35 -10.34 15.79 -29.60
N LEU A 36 -9.11 15.88 -30.07
CA LEU A 36 -8.04 16.55 -29.34
C LEU A 36 -8.42 17.99 -29.04
N LEU A 37 -8.92 18.69 -30.05
CA LEU A 37 -9.31 20.08 -29.89
C LEU A 37 -10.62 20.22 -29.14
N ARG A 38 -11.43 19.16 -29.15
CA ARG A 38 -12.71 19.18 -28.43
C ARG A 38 -12.48 19.09 -26.93
N THR A 39 -11.72 18.09 -26.51
CA THR A 39 -11.44 17.84 -25.10
C THR A 39 -10.53 18.89 -24.46
N GLY A 40 -9.57 19.40 -25.21
CA GLY A 40 -8.67 20.40 -24.65
C GLY A 40 -7.70 19.79 -23.65
N LEU A 41 -6.86 20.63 -23.04
CA LEU A 41 -5.89 20.15 -22.07
C LEU A 41 -6.44 20.20 -20.64
N PRO A 42 -6.28 19.09 -19.91
CA PRO A 42 -6.76 19.01 -18.52
C PRO A 42 -5.95 19.87 -17.58
N THR A 43 -6.56 20.27 -16.47
CA THR A 43 -5.87 21.07 -15.46
C THR A 43 -5.60 20.12 -14.30
N ARG A 44 -4.91 20.63 -13.28
CA ARG A 44 -4.59 19.84 -12.10
C ARG A 44 -5.86 19.51 -11.29
N LYS A 45 -7.00 20.06 -11.72
CA LYS A 45 -8.27 19.82 -11.04
C LYS A 45 -8.99 18.64 -11.66
N HIS A 46 -8.49 18.18 -12.81
CA HIS A 46 -9.10 17.05 -13.49
C HIS A 46 -8.78 15.78 -12.69
N GLU A 47 -9.81 14.96 -12.52
CA GLU A 47 -9.74 13.69 -11.81
C GLU A 47 -8.46 12.87 -12.05
N ASN A 48 -8.01 12.77 -13.29
CA ASN A 48 -6.83 11.98 -13.62
C ASN A 48 -5.53 12.76 -13.76
N TRP A 49 -5.50 14.02 -13.32
CA TRP A 49 -4.30 14.84 -13.47
C TRP A 49 -3.86 15.60 -12.24
N LYS A 50 -4.28 15.17 -11.07
CA LYS A 50 -3.90 15.88 -9.85
C LYS A 50 -2.40 15.85 -9.59
N TYR A 51 -1.72 14.79 -10.02
CA TYR A 51 -0.29 14.63 -9.75
C TYR A 51 0.71 14.76 -10.88
N THR A 52 0.23 14.90 -12.11
CA THR A 52 1.12 14.95 -13.26
C THR A 52 1.18 16.35 -13.90
N PRO A 53 2.35 17.01 -13.80
CA PRO A 53 2.56 18.35 -14.34
C PRO A 53 2.68 18.45 -15.86
N LEU A 54 1.96 19.41 -16.43
CA LEU A 54 1.97 19.66 -17.87
C LEU A 54 2.51 21.05 -18.17
N GLU A 55 2.95 21.76 -17.13
CA GLU A 55 3.48 23.11 -17.29
C GLU A 55 4.65 23.15 -18.28
N GLY A 56 5.56 22.20 -18.15
CA GLY A 56 6.71 22.15 -19.04
C GLY A 56 6.31 21.78 -20.46
N LEU A 57 5.01 21.80 -20.75
CA LEU A 57 4.55 21.44 -22.08
C LEU A 57 3.47 22.37 -22.66
N ILE A 58 2.48 22.72 -21.85
CA ILE A 58 1.37 23.57 -22.29
C ILE A 58 1.72 24.95 -22.87
N ASN A 59 2.88 25.47 -22.48
CA ASN A 59 3.33 26.77 -22.96
C ASN A 59 4.73 26.62 -23.53
N SER A 60 4.81 25.97 -24.69
CA SER A 60 6.08 25.74 -25.37
C SER A 60 5.88 25.77 -26.87
N GLN A 61 6.95 26.08 -27.58
CA GLN A 61 6.89 26.10 -29.03
C GLN A 61 7.28 24.70 -29.49
N PHE A 62 6.47 24.11 -30.36
CA PHE A 62 6.76 22.77 -30.85
C PHE A 62 7.12 22.74 -32.33
N VAL A 63 8.11 21.91 -32.65
CA VAL A 63 8.56 21.74 -34.02
C VAL A 63 8.68 20.24 -34.26
N SER A 64 8.68 19.84 -35.53
CA SER A 64 8.80 18.45 -35.89
C SER A 64 9.91 18.29 -36.93
N ILE A 65 11.15 18.29 -36.44
CA ILE A 65 12.31 18.16 -37.31
C ILE A 65 12.78 16.71 -37.39
N ALA A 66 12.59 16.10 -38.55
CA ALA A 66 12.98 14.71 -38.78
C ALA A 66 14.42 14.64 -39.28
N GLY A 67 15.36 14.47 -38.36
CA GLY A 67 16.76 14.38 -38.75
C GLY A 67 17.17 13.00 -39.21
N GLU A 68 18.47 12.81 -39.38
CA GLU A 68 19.01 11.53 -39.80
C GLU A 68 20.27 11.22 -39.01
N ILE A 69 20.44 9.94 -38.69
CA ILE A 69 21.59 9.51 -37.92
C ILE A 69 22.37 8.42 -38.67
N SER A 70 23.54 8.09 -38.15
CA SER A 70 24.38 7.06 -38.77
C SER A 70 24.24 5.74 -38.04
N PRO A 71 24.60 4.63 -38.70
CA PRO A 71 24.50 3.33 -38.03
C PRO A 71 25.35 3.34 -36.76
N GLN A 72 26.42 4.13 -36.78
CA GLN A 72 27.32 4.25 -35.64
C GLN A 72 26.57 4.84 -34.43
N GLN A 73 25.74 5.84 -34.68
CA GLN A 73 24.97 6.46 -33.61
C GLN A 73 23.90 5.50 -33.09
N ARG A 74 23.29 4.78 -34.02
CA ARG A 74 22.27 3.80 -33.69
C ARG A 74 22.89 2.72 -32.79
N ASP A 75 23.98 2.12 -33.26
CA ASP A 75 24.69 1.06 -32.54
C ASP A 75 25.08 1.46 -31.13
N ALA A 76 25.53 2.70 -30.96
CA ALA A 76 25.96 3.20 -29.66
C ALA A 76 24.80 3.28 -28.66
N LEU A 77 23.57 3.30 -29.17
CA LEU A 77 22.39 3.40 -28.32
C LEU A 77 21.54 2.13 -28.36
N ALA A 78 21.89 1.23 -29.26
CA ALA A 78 21.13 0.00 -29.43
C ALA A 78 21.36 -1.04 -28.35
N LEU A 79 20.34 -1.85 -28.11
CA LEU A 79 20.46 -2.92 -27.13
C LEU A 79 21.27 -4.01 -27.80
N THR A 80 21.93 -4.83 -26.99
CA THR A 80 22.69 -5.95 -27.51
C THR A 80 21.66 -7.06 -27.50
N LEU A 81 21.16 -7.41 -28.68
CA LEU A 81 20.14 -8.43 -28.79
C LEU A 81 19.99 -8.92 -30.23
N ASP A 82 19.78 -10.21 -30.39
CA ASP A 82 19.58 -10.78 -31.73
C ASP A 82 18.07 -10.70 -31.98
N SER A 83 17.68 -9.73 -32.80
CA SER A 83 16.27 -9.53 -33.08
C SER A 83 16.04 -9.07 -34.50
N VAL A 84 14.76 -8.85 -34.82
CA VAL A 84 14.34 -8.32 -36.10
C VAL A 84 14.09 -6.87 -35.68
N ARG A 85 15.06 -6.02 -35.98
CA ARG A 85 14.99 -4.62 -35.58
C ARG A 85 14.53 -3.59 -36.59
N LEU A 86 13.45 -2.90 -36.25
CA LEU A 86 12.92 -1.83 -37.08
C LEU A 86 13.34 -0.54 -36.38
N VAL A 87 13.94 0.38 -37.12
CA VAL A 87 14.40 1.63 -36.54
C VAL A 87 13.55 2.84 -36.95
N PHE A 88 13.18 3.64 -35.96
CA PHE A 88 12.39 4.83 -36.18
C PHE A 88 13.17 6.00 -35.60
N VAL A 89 13.35 7.05 -36.40
CA VAL A 89 14.09 8.22 -35.98
C VAL A 89 13.19 9.43 -36.10
N ASP A 90 13.13 10.24 -35.05
CA ASP A 90 12.28 11.43 -35.03
C ASP A 90 10.93 11.24 -35.70
N GLY A 91 10.24 10.15 -35.36
CA GLY A 91 8.92 9.90 -35.91
C GLY A 91 8.89 9.27 -37.30
N ARG A 92 10.06 8.95 -37.83
CA ARG A 92 10.14 8.37 -39.17
C ARG A 92 10.78 6.99 -39.21
N TYR A 93 10.15 6.07 -39.94
CA TYR A 93 10.70 4.74 -40.12
C TYR A 93 11.92 4.95 -41.03
N VAL A 94 13.06 4.37 -40.67
CA VAL A 94 14.28 4.51 -41.47
C VAL A 94 14.71 3.15 -42.02
N PRO A 95 14.31 2.84 -43.27
CA PRO A 95 14.62 1.57 -43.95
C PRO A 95 16.10 1.20 -43.90
N ALA A 96 16.96 2.12 -44.28
CA ALA A 96 18.40 1.89 -44.31
C ALA A 96 18.99 1.43 -42.99
N LEU A 97 18.34 1.78 -41.88
CA LEU A 97 18.87 1.39 -40.57
C LEU A 97 18.15 0.19 -39.99
N SER A 98 17.14 -0.30 -40.70
CA SER A 98 16.37 -1.45 -40.23
C SER A 98 16.73 -2.79 -40.87
N ASP A 99 16.28 -3.85 -40.21
CA ASP A 99 16.51 -5.23 -40.65
C ASP A 99 15.42 -5.65 -41.62
N ALA A 100 15.75 -6.54 -42.54
CA ALA A 100 14.77 -7.05 -43.50
C ALA A 100 13.83 -7.96 -42.72
N THR A 101 12.55 -7.99 -43.10
CA THR A 101 11.59 -8.81 -42.38
C THR A 101 11.17 -10.10 -43.11
N GLU A 102 11.50 -10.21 -44.39
CA GLU A 102 11.13 -11.39 -45.15
C GLU A 102 11.72 -12.65 -44.50
N GLY A 103 10.87 -13.65 -44.27
CA GLY A 103 11.32 -14.90 -43.65
C GLY A 103 11.53 -14.83 -42.15
N SER A 104 11.20 -13.70 -41.54
CA SER A 104 11.38 -13.50 -40.10
C SER A 104 10.22 -14.04 -39.28
N GLY A 105 9.06 -14.18 -39.93
CA GLY A 105 7.88 -14.66 -39.24
C GLY A 105 6.95 -13.49 -38.97
N TYR A 106 7.40 -12.28 -39.31
CA TYR A 106 6.62 -11.06 -39.12
C TYR A 106 6.25 -10.41 -40.45
N GLU A 107 4.96 -10.20 -40.68
CA GLU A 107 4.46 -9.53 -41.87
C GLU A 107 4.48 -8.06 -41.51
N VAL A 108 5.32 -7.28 -42.19
CA VAL A 108 5.44 -5.86 -41.88
C VAL A 108 5.28 -4.91 -43.05
N SER A 109 4.42 -3.92 -42.86
CA SER A 109 4.15 -2.87 -43.84
C SER A 109 4.04 -1.55 -43.07
N ILE A 110 4.73 -0.53 -43.57
CA ILE A 110 4.70 0.79 -42.95
C ILE A 110 4.12 1.79 -43.95
N ASN A 111 2.94 2.33 -43.63
CA ASN A 111 2.28 3.32 -44.48
C ASN A 111 1.24 4.07 -43.64
N ASP A 112 0.52 5.00 -44.24
CA ASP A 112 -0.47 5.77 -43.48
C ASP A 112 -1.91 5.34 -43.68
N ASP A 113 -2.12 4.12 -44.15
CA ASP A 113 -3.46 3.60 -44.34
C ASP A 113 -3.91 3.13 -42.96
N ARG A 114 -5.05 3.62 -42.48
CA ARG A 114 -5.52 3.26 -41.15
C ARG A 114 -6.90 2.64 -41.06
N GLN A 115 -7.43 2.21 -42.19
CA GLN A 115 -8.77 1.61 -42.25
C GLN A 115 -9.08 0.51 -41.23
N GLY A 116 -8.11 -0.34 -40.91
CA GLY A 116 -8.37 -1.40 -39.97
C GLY A 116 -8.23 -1.12 -38.48
N LEU A 117 -7.36 -0.18 -38.12
CA LEU A 117 -7.12 0.15 -36.72
C LEU A 117 -8.37 0.20 -35.85
N PRO A 118 -8.33 -0.49 -34.70
CA PRO A 118 -9.46 -0.55 -33.76
C PRO A 118 -9.68 0.78 -33.05
N ASP A 119 -10.87 0.96 -32.49
CA ASP A 119 -11.18 2.18 -31.76
C ASP A 119 -10.46 2.11 -30.42
N ALA A 120 -10.21 3.27 -29.83
CA ALA A 120 -9.53 3.33 -28.54
C ALA A 120 -10.39 2.72 -27.45
N ILE A 121 -9.75 2.00 -26.53
CA ILE A 121 -10.47 1.40 -25.41
C ILE A 121 -10.83 2.52 -24.43
N GLN A 122 -9.86 3.40 -24.18
CA GLN A 122 -10.01 4.52 -23.26
C GLN A 122 -9.47 5.77 -23.95
N ALA A 123 -10.37 6.57 -24.52
CA ALA A 123 -9.96 7.79 -25.22
C ALA A 123 -9.48 8.85 -24.25
N GLU A 124 -8.39 9.52 -24.60
CA GLU A 124 -7.84 10.58 -23.76
C GLU A 124 -6.95 11.51 -24.59
N VAL A 125 -6.87 12.75 -24.14
CA VAL A 125 -6.12 13.78 -24.85
C VAL A 125 -4.79 13.40 -25.51
N PHE A 126 -3.85 12.78 -24.79
CA PHE A 126 -2.58 12.44 -25.45
C PHE A 126 -2.62 11.27 -26.41
N LEU A 127 -3.64 10.42 -26.29
CA LEU A 127 -3.80 9.32 -27.22
C LEU A 127 -4.23 9.96 -28.56
N HIS A 128 -5.13 10.94 -28.48
CA HIS A 128 -5.61 11.64 -29.68
C HIS A 128 -4.46 12.41 -30.34
N LEU A 129 -3.63 13.04 -29.53
CA LEU A 129 -2.51 13.80 -30.07
C LEU A 129 -1.60 12.92 -30.91
N THR A 130 -1.26 11.74 -30.38
CA THR A 130 -0.37 10.79 -31.07
C THR A 130 -1.03 10.23 -32.34
N GLU A 131 -2.29 9.86 -32.24
CA GLU A 131 -2.99 9.33 -33.41
C GLU A 131 -2.98 10.38 -34.53
N SER A 132 -3.18 11.64 -34.17
CA SER A 132 -3.24 12.70 -35.17
C SER A 132 -1.89 13.16 -35.73
N LEU A 133 -0.84 13.15 -34.91
CA LEU A 133 0.46 13.56 -35.41
C LEU A 133 1.38 12.43 -35.93
N ALA A 134 1.00 11.17 -35.70
CA ALA A 134 1.81 10.07 -36.19
C ALA A 134 1.88 10.20 -37.71
N GLN A 135 3.08 10.18 -38.26
CA GLN A 135 3.24 10.32 -39.70
C GLN A 135 3.01 9.02 -40.46
N SER A 136 3.01 7.92 -39.74
CA SER A 136 2.78 6.62 -40.35
C SER A 136 2.42 5.59 -39.29
N VAL A 137 1.89 4.46 -39.75
CA VAL A 137 1.53 3.38 -38.86
C VAL A 137 2.30 2.11 -39.23
N THR A 138 2.85 1.42 -38.23
CA THR A 138 3.57 0.20 -38.49
C THR A 138 2.58 -0.95 -38.37
N HIS A 139 2.22 -1.54 -39.51
CA HIS A 139 1.29 -2.66 -39.54
C HIS A 139 2.09 -3.95 -39.40
N ILE A 140 1.90 -4.63 -38.27
CA ILE A 140 2.60 -5.87 -38.00
C ILE A 140 1.61 -6.99 -37.77
N ALA A 141 1.90 -8.15 -38.34
CA ALA A 141 1.02 -9.30 -38.18
C ALA A 141 1.83 -10.58 -38.12
N VAL A 142 1.36 -11.52 -37.33
CA VAL A 142 2.00 -12.81 -37.23
C VAL A 142 0.88 -13.79 -37.58
N LYS A 143 1.07 -14.52 -38.66
CA LYS A 143 0.06 -15.46 -39.13
C LYS A 143 -0.26 -16.59 -38.17
N ARG A 144 -1.39 -17.23 -38.44
CA ARG A 144 -1.88 -18.33 -37.65
C ARG A 144 -0.82 -19.39 -37.37
N GLY A 145 -0.73 -19.80 -36.11
CA GLY A 145 0.22 -20.81 -35.70
C GLY A 145 1.71 -20.50 -35.79
N GLN A 146 2.05 -19.31 -36.23
CA GLN A 146 3.47 -18.96 -36.34
C GLN A 146 4.10 -18.48 -35.03
N ARG A 147 5.30 -18.96 -34.75
CA ARG A 147 6.05 -18.59 -33.55
C ARG A 147 7.46 -18.15 -33.95
N PRO A 148 7.63 -16.87 -34.32
CA PRO A 148 8.93 -16.34 -34.74
C PRO A 148 10.06 -16.71 -33.79
N ALA A 149 11.23 -16.99 -34.35
CA ALA A 149 12.40 -17.38 -33.57
C ALA A 149 13.02 -16.18 -32.86
N LYS A 150 12.88 -15.00 -33.45
CA LYS A 150 13.46 -13.81 -32.85
C LYS A 150 12.41 -12.76 -32.49
N PRO A 151 12.65 -12.00 -31.41
CA PRO A 151 11.67 -10.97 -31.02
C PRO A 151 11.73 -9.79 -31.99
N LEU A 152 10.58 -9.14 -32.19
CA LEU A 152 10.52 -7.97 -33.06
C LEU A 152 10.94 -6.81 -32.15
N LEU A 153 11.90 -6.01 -32.60
CA LEU A 153 12.38 -4.88 -31.81
C LEU A 153 12.12 -3.57 -32.55
N LEU A 154 11.32 -2.70 -31.93
CA LEU A 154 11.01 -1.40 -32.50
C LEU A 154 11.85 -0.40 -31.73
N MET A 155 12.92 0.07 -32.38
CA MET A 155 13.81 1.02 -31.76
C MET A 155 13.46 2.45 -32.15
N HIS A 156 13.27 3.30 -31.15
CA HIS A 156 12.91 4.69 -31.37
C HIS A 156 14.05 5.59 -30.93
N ILE A 157 14.53 6.42 -31.86
CA ILE A 157 15.59 7.35 -31.56
C ILE A 157 15.01 8.74 -31.82
N THR A 158 14.90 9.54 -30.77
CA THR A 158 14.33 10.89 -30.90
C THR A 158 15.37 11.91 -30.42
N GLN A 159 15.42 13.06 -31.06
CA GLN A 159 16.38 14.08 -30.65
C GLN A 159 15.73 15.44 -30.47
N GLY A 160 16.36 16.26 -29.64
CA GLY A 160 15.86 17.60 -29.42
C GLY A 160 16.64 18.54 -30.33
N VAL A 161 16.23 19.79 -30.39
CA VAL A 161 16.92 20.76 -31.22
C VAL A 161 17.45 21.87 -30.34
N ALA A 162 18.48 22.57 -30.81
CA ALA A 162 19.07 23.67 -30.05
C ALA A 162 17.99 24.75 -29.93
N GLY A 163 18.03 25.50 -28.84
CA GLY A 163 17.04 26.55 -28.64
C GLY A 163 16.02 26.18 -27.59
N GLU A 164 14.91 26.91 -27.58
CA GLU A 164 13.85 26.67 -26.62
C GLU A 164 12.67 25.94 -27.25
N GLU A 165 12.80 25.61 -28.53
CA GLU A 165 11.75 24.89 -29.24
C GLU A 165 11.83 23.42 -28.86
N VAL A 166 10.67 22.79 -28.78
CA VAL A 166 10.59 21.38 -28.41
C VAL A 166 10.25 20.51 -29.59
N ASN A 167 11.24 19.74 -30.03
CA ASN A 167 11.03 18.82 -31.15
C ASN A 167 10.11 17.73 -30.61
N THR A 168 9.13 17.32 -31.42
CA THR A 168 8.20 16.29 -30.99
C THR A 168 7.99 15.24 -32.07
N ALA A 169 7.97 13.98 -31.65
CA ALA A 169 7.77 12.86 -32.57
C ALA A 169 6.74 11.94 -31.97
N HIS A 170 5.83 11.45 -32.81
CA HIS A 170 4.79 10.55 -32.37
C HIS A 170 4.83 9.26 -33.17
N TYR A 171 4.93 8.15 -32.45
CA TYR A 171 5.02 6.83 -33.05
C TYR A 171 3.74 6.02 -32.89
N ARG A 172 3.36 5.32 -33.94
CA ARG A 172 2.15 4.52 -33.94
C ARG A 172 2.40 3.14 -34.54
N HIS A 173 2.09 2.10 -33.78
CA HIS A 173 2.30 0.72 -34.23
C HIS A 173 1.10 -0.16 -33.86
N HIS A 174 0.76 -1.09 -34.74
CA HIS A 174 -0.32 -2.02 -34.46
C HIS A 174 0.09 -3.46 -34.75
N LEU A 175 -0.18 -4.35 -33.81
CA LEU A 175 0.17 -5.75 -33.99
C LEU A 175 -1.05 -6.66 -33.95
N ASP A 176 -1.16 -7.53 -34.95
CA ASP A 176 -2.24 -8.50 -34.99
C ASP A 176 -1.64 -9.89 -34.84
N LEU A 177 -1.96 -10.56 -33.73
CA LEU A 177 -1.49 -11.91 -33.51
C LEU A 177 -2.64 -12.85 -33.84
N ALA A 178 -2.56 -13.50 -34.99
CA ALA A 178 -3.61 -14.42 -35.41
C ALA A 178 -3.68 -15.61 -34.47
N GLU A 179 -4.71 -16.43 -34.64
CA GLU A 179 -4.93 -17.60 -33.82
C GLU A 179 -3.72 -18.54 -33.73
N GLY A 180 -3.31 -18.87 -32.50
CA GLY A 180 -2.18 -19.76 -32.32
C GLY A 180 -0.82 -19.10 -32.47
N ALA A 181 -0.79 -17.84 -32.90
CA ALA A 181 0.48 -17.14 -33.06
C ALA A 181 1.07 -16.81 -31.68
N GLU A 182 2.39 -16.82 -31.58
CA GLU A 182 3.06 -16.53 -30.32
C GLU A 182 4.29 -15.69 -30.63
N ALA A 183 4.35 -14.47 -30.10
CA ALA A 183 5.46 -13.59 -30.38
C ALA A 183 5.85 -12.68 -29.23
N THR A 184 7.08 -12.19 -29.30
CA THR A 184 7.63 -11.27 -28.32
C THR A 184 7.94 -9.99 -29.11
N VAL A 185 7.46 -8.86 -28.61
CA VAL A 185 7.71 -7.59 -29.25
C VAL A 185 8.25 -6.63 -28.19
N ILE A 186 9.29 -5.88 -28.57
CA ILE A 186 9.92 -4.95 -27.67
C ILE A 186 9.96 -3.53 -28.27
N GLU A 187 9.54 -2.54 -27.48
CA GLU A 187 9.62 -1.15 -27.94
C GLU A 187 10.70 -0.53 -27.06
N HIS A 188 11.70 0.05 -27.72
CA HIS A 188 12.84 0.65 -27.04
C HIS A 188 12.88 2.14 -27.43
N PHE A 189 12.90 3.02 -26.43
CA PHE A 189 12.97 4.46 -26.68
C PHE A 189 14.23 5.06 -26.06
N VAL A 190 14.96 5.84 -26.84
CA VAL A 190 16.17 6.50 -26.36
C VAL A 190 16.29 7.90 -26.97
N SER A 191 17.09 8.74 -26.34
CA SER A 191 17.34 10.11 -26.79
C SER A 191 18.70 10.13 -27.48
N LEU A 192 18.80 10.83 -28.60
CA LEU A 192 20.07 10.91 -29.32
C LEU A 192 21.12 11.62 -28.48
N ASN A 193 20.69 12.66 -27.77
CA ASN A 193 21.61 13.41 -26.91
C ASN A 193 20.89 14.03 -25.72
N ASP A 194 21.44 15.11 -25.18
CA ASP A 194 20.86 15.77 -24.01
C ASP A 194 19.73 16.74 -24.28
N ALA A 195 19.53 17.11 -25.53
CA ALA A 195 18.47 18.06 -25.87
C ALA A 195 17.09 17.48 -25.59
N ARG A 196 16.24 18.25 -24.92
CA ARG A 196 14.90 17.78 -24.59
C ARG A 196 14.05 17.62 -25.84
N HIS A 197 13.07 16.73 -25.75
CA HIS A 197 12.14 16.47 -26.85
C HIS A 197 10.86 15.93 -26.26
N PHE A 198 9.80 15.93 -27.07
CA PHE A 198 8.51 15.44 -26.61
C PHE A 198 8.13 14.23 -27.44
N THR A 199 8.21 13.06 -26.81
CA THR A 199 7.88 11.79 -27.46
C THR A 199 6.46 11.32 -27.19
N GLY A 200 5.78 10.89 -28.24
CA GLY A 200 4.44 10.36 -28.11
C GLY A 200 4.45 8.98 -28.73
N ALA A 201 3.76 8.02 -28.13
CA ALA A 201 3.73 6.68 -28.68
C ALA A 201 2.43 5.96 -28.39
N ARG A 202 2.05 5.07 -29.30
CA ARG A 202 0.82 4.31 -29.15
C ARG A 202 0.98 2.98 -29.87
N PHE A 203 0.96 1.91 -29.09
CA PHE A 203 1.10 0.58 -29.62
C PHE A 203 -0.19 -0.18 -29.30
N THR A 204 -0.97 -0.50 -30.33
CA THR A 204 -2.20 -1.26 -30.14
C THR A 204 -1.93 -2.70 -30.57
N ILE A 205 -2.53 -3.65 -29.85
CA ILE A 205 -2.31 -5.05 -30.14
C ILE A 205 -3.57 -5.87 -29.99
N ASN A 206 -3.83 -6.70 -30.99
CA ASN A 206 -5.01 -7.56 -30.99
C ASN A 206 -4.51 -8.98 -30.84
N VAL A 207 -5.01 -9.68 -29.82
CA VAL A 207 -4.56 -11.05 -29.56
C VAL A 207 -5.73 -12.03 -29.77
N ALA A 208 -5.63 -12.79 -30.86
CA ALA A 208 -6.66 -13.76 -31.22
C ALA A 208 -6.65 -14.99 -30.33
N ALA A 209 -7.63 -15.87 -30.54
CA ALA A 209 -7.76 -17.11 -29.77
C ALA A 209 -6.49 -17.98 -29.78
N ASN A 210 -6.11 -18.47 -28.62
CA ASN A 210 -4.93 -19.31 -28.43
C ASN A 210 -3.60 -18.63 -28.79
N ALA A 211 -3.64 -17.32 -29.00
CA ALA A 211 -2.40 -16.59 -29.32
C ALA A 211 -1.71 -16.20 -28.01
N HIS A 212 -0.39 -16.02 -28.07
CA HIS A 212 0.36 -15.65 -26.88
C HIS A 212 1.28 -14.46 -27.13
N LEU A 213 1.11 -13.42 -26.33
CA LEU A 213 1.89 -12.22 -26.47
C LEU A 213 2.85 -11.97 -25.32
N GLN A 214 4.06 -11.58 -25.66
CA GLN A 214 5.08 -11.21 -24.68
C GLN A 214 5.43 -9.79 -25.14
N HIS A 215 4.94 -8.78 -24.44
CA HIS A 215 5.24 -7.40 -24.78
C HIS A 215 6.17 -6.75 -23.76
N ILE A 216 7.22 -6.09 -24.24
CA ILE A 216 8.18 -5.42 -23.37
C ILE A 216 8.42 -3.97 -23.84
N LYS A 217 8.38 -3.03 -22.90
CA LYS A 217 8.63 -1.62 -23.24
C LYS A 217 9.75 -1.06 -22.39
N LEU A 218 10.74 -0.46 -23.06
CA LEU A 218 11.89 0.10 -22.39
C LEU A 218 12.01 1.58 -22.74
N ALA A 219 11.47 2.43 -21.88
CA ALA A 219 11.50 3.88 -22.09
C ALA A 219 12.74 4.39 -21.35
N PHE A 220 13.83 4.55 -22.09
CA PHE A 220 15.10 4.99 -21.52
C PHE A 220 15.58 6.34 -22.10
N GLU A 221 14.67 7.30 -22.21
CA GLU A 221 15.04 8.60 -22.77
C GLU A 221 15.74 9.51 -21.75
N ASN A 222 16.32 10.61 -22.22
CA ASN A 222 17.07 11.50 -21.34
C ASN A 222 16.22 12.16 -20.24
N PRO A 223 16.88 12.74 -19.22
CA PRO A 223 16.25 13.41 -18.07
C PRO A 223 15.37 14.64 -18.33
N LEU A 224 15.51 15.26 -19.49
CA LEU A 224 14.73 16.46 -19.79
C LEU A 224 13.54 16.32 -20.72
N SER A 225 13.31 15.12 -21.24
CA SER A 225 12.21 14.92 -22.19
C SER A 225 10.87 14.54 -21.59
N HIS A 226 9.84 14.65 -22.43
CA HIS A 226 8.48 14.29 -22.05
C HIS A 226 8.10 13.08 -22.87
N HIS A 227 7.52 12.08 -22.20
CA HIS A 227 7.10 10.84 -22.86
C HIS A 227 5.66 10.53 -22.49
N PHE A 228 4.76 10.63 -23.46
CA PHE A 228 3.34 10.34 -23.22
C PHE A 228 2.86 9.27 -24.19
N ALA A 229 2.53 8.12 -23.64
CA ALA A 229 2.11 6.98 -24.44
C ALA A 229 0.84 6.32 -23.96
N HIS A 230 0.19 5.60 -24.87
CA HIS A 230 -1.04 4.91 -24.56
C HIS A 230 -1.15 3.67 -25.45
N ASN A 231 -0.97 2.51 -24.83
CA ASN A 231 -1.05 1.23 -25.53
C ASN A 231 -2.37 0.52 -25.25
N ASP A 232 -2.84 -0.25 -26.22
CA ASP A 232 -4.09 -1.00 -26.07
C ASP A 232 -3.82 -2.49 -26.30
N LEU A 233 -4.49 -3.33 -25.51
CA LEU A 233 -4.37 -4.77 -25.64
C LEU A 233 -5.80 -5.30 -25.72
N LEU A 234 -6.12 -5.99 -26.80
CA LEU A 234 -7.45 -6.57 -26.99
C LEU A 234 -7.28 -8.08 -27.06
N LEU A 235 -7.88 -8.79 -26.11
CA LEU A 235 -7.79 -10.25 -26.08
C LEU A 235 -9.12 -10.94 -26.36
N ALA A 236 -9.05 -11.98 -27.19
CA ALA A 236 -10.22 -12.78 -27.50
C ALA A 236 -10.17 -13.92 -26.47
N GLU A 237 -10.91 -14.98 -26.73
CA GLU A 237 -10.95 -16.12 -25.81
C GLU A 237 -9.71 -16.99 -25.86
N ASP A 238 -9.38 -17.61 -24.72
CA ASP A 238 -8.22 -18.49 -24.61
C ASP A 238 -6.92 -17.82 -25.08
N ALA A 239 -6.84 -16.50 -24.89
CA ALA A 239 -5.67 -15.75 -25.29
C ALA A 239 -4.79 -15.49 -24.06
N THR A 240 -3.50 -15.26 -24.30
CA THR A 240 -2.57 -15.00 -23.21
C THR A 240 -1.75 -13.78 -23.55
N ALA A 241 -1.66 -12.83 -22.62
CA ALA A 241 -0.89 -11.62 -22.88
C ALA A 241 -0.14 -11.10 -21.67
N PHE A 242 1.17 -10.92 -21.84
CA PHE A 242 2.03 -10.41 -20.79
C PHE A 242 2.63 -9.10 -21.31
N SER A 243 2.60 -8.06 -20.49
CA SER A 243 3.15 -6.77 -20.85
C SER A 243 4.05 -6.30 -19.71
N HIS A 244 5.29 -5.97 -20.02
CA HIS A 244 6.26 -5.52 -19.01
C HIS A 244 6.83 -4.17 -19.42
N SER A 245 6.63 -3.16 -18.57
CA SER A 245 7.13 -1.84 -18.88
C SER A 245 8.16 -1.34 -17.87
N PHE A 246 9.29 -0.88 -18.38
CA PHE A 246 10.33 -0.34 -17.53
C PHE A 246 10.49 1.13 -17.93
N LEU A 247 9.84 1.97 -17.14
CA LEU A 247 9.83 3.41 -17.37
C LEU A 247 10.99 4.01 -16.60
N LEU A 248 12.12 4.12 -17.28
CA LEU A 248 13.34 4.62 -16.66
C LEU A 248 13.95 5.79 -17.45
N GLY A 249 13.20 6.87 -17.59
CA GLY A 249 13.70 8.03 -18.31
C GLY A 249 12.70 9.12 -18.61
N GLY A 250 13.17 10.35 -18.68
CA GLY A 250 12.32 11.48 -18.97
C GLY A 250 12.02 12.35 -17.77
N ALA A 251 11.81 13.66 -18.00
CA ALA A 251 11.49 14.58 -16.92
C ALA A 251 10.09 14.23 -16.45
N VAL A 252 9.20 14.00 -17.41
CA VAL A 252 7.82 13.63 -17.10
C VAL A 252 7.43 12.50 -18.03
N LEU A 253 7.02 11.36 -17.47
CA LEU A 253 6.62 10.25 -18.30
C LEU A 253 5.25 9.77 -17.85
N ARG A 254 4.37 9.58 -18.81
CA ARG A 254 3.03 9.10 -18.48
C ARG A 254 2.67 8.01 -19.47
N HIS A 255 2.59 6.79 -18.94
CA HIS A 255 2.29 5.63 -19.75
C HIS A 255 0.96 5.00 -19.35
N ASN A 256 0.13 4.71 -20.35
CA ASN A 256 -1.17 4.08 -20.13
C ASN A 256 -1.23 2.76 -20.88
N THR A 257 -1.81 1.75 -20.24
CA THR A 257 -2.02 0.48 -20.90
C THR A 257 -3.47 0.15 -20.61
N SER A 258 -4.30 0.21 -21.66
CA SER A 258 -5.71 -0.09 -21.53
C SER A 258 -5.93 -1.47 -22.14
N THR A 259 -6.69 -2.30 -21.43
CA THR A 259 -6.95 -3.65 -21.88
C THR A 259 -8.40 -4.08 -21.79
N GLN A 260 -8.80 -4.93 -22.73
CA GLN A 260 -10.14 -5.48 -22.77
C GLN A 260 -10.03 -6.99 -22.92
N LEU A 261 -10.64 -7.72 -21.99
CA LEU A 261 -10.65 -9.17 -22.06
C LEU A 261 -12.04 -9.48 -22.62
N ASN A 262 -12.12 -9.58 -23.95
CA ASN A 262 -13.39 -9.83 -24.62
C ASN A 262 -13.69 -11.28 -24.92
N GLY A 263 -12.98 -12.19 -24.24
CA GLY A 263 -13.19 -13.61 -24.46
C GLY A 263 -12.94 -14.37 -23.18
N GLU A 264 -13.63 -15.49 -23.01
CA GLU A 264 -13.47 -16.28 -21.80
C GLU A 264 -12.17 -17.06 -21.78
N ASN A 265 -11.75 -17.46 -20.57
CA ASN A 265 -10.57 -18.26 -20.37
C ASN A 265 -9.25 -17.67 -20.84
N SER A 266 -9.10 -16.36 -20.68
CA SER A 266 -7.85 -15.71 -21.07
C SER A 266 -7.00 -15.40 -19.85
N THR A 267 -5.70 -15.26 -20.07
CA THR A 267 -4.77 -14.96 -19.00
C THR A 267 -4.03 -13.68 -19.32
N LEU A 268 -4.00 -12.76 -18.36
CA LEU A 268 -3.34 -11.48 -18.58
C LEU A 268 -2.39 -11.06 -17.46
N ARG A 269 -1.26 -10.48 -17.84
CA ARG A 269 -0.32 -9.95 -16.87
C ARG A 269 0.21 -8.62 -17.39
N ILE A 270 0.15 -7.60 -16.53
CA ILE A 270 0.64 -6.28 -16.87
C ILE A 270 1.51 -5.80 -15.72
N ASN A 271 2.81 -5.69 -15.96
CA ASN A 271 3.76 -5.23 -14.96
C ASN A 271 4.42 -3.92 -15.40
N SER A 272 5.02 -3.21 -14.46
CA SER A 272 5.72 -1.98 -14.77
C SER A 272 6.58 -1.58 -13.60
N LEU A 273 7.70 -0.93 -13.92
CA LEU A 273 8.63 -0.43 -12.93
C LEU A 273 8.86 1.04 -13.25
N ALA A 274 8.66 1.90 -12.27
CA ALA A 274 8.86 3.34 -12.43
C ALA A 274 10.03 3.76 -11.54
N MET A 275 11.01 4.46 -12.11
CA MET A 275 12.17 4.91 -11.36
C MET A 275 12.50 6.38 -11.57
N PRO A 276 11.66 7.29 -11.06
CA PRO A 276 11.96 8.71 -11.25
C PRO A 276 13.11 9.16 -10.35
N VAL A 277 14.01 9.97 -10.89
CA VAL A 277 15.11 10.50 -10.09
C VAL A 277 14.89 12.00 -9.94
N LYS A 278 15.83 12.68 -9.27
CA LYS A 278 15.73 14.10 -9.01
C LYS A 278 14.82 14.91 -9.94
N ASN A 279 13.75 15.44 -9.36
CA ASN A 279 12.77 16.27 -10.05
C ASN A 279 11.89 15.65 -11.15
N GLU A 280 12.04 14.36 -11.39
CA GLU A 280 11.24 13.71 -12.43
C GLU A 280 9.91 13.18 -11.91
N VAL A 281 8.97 13.03 -12.83
CA VAL A 281 7.65 12.49 -12.49
C VAL A 281 7.42 11.31 -13.42
N CYS A 282 7.21 10.13 -12.85
CA CYS A 282 6.96 8.92 -13.63
C CYS A 282 5.56 8.46 -13.27
N ASP A 283 4.68 8.48 -14.27
CA ASP A 283 3.27 8.15 -14.12
C ASP A 283 2.93 6.86 -14.86
N THR A 284 2.60 5.80 -14.12
CA THR A 284 2.26 4.51 -14.75
C THR A 284 0.80 4.19 -14.46
N ARG A 285 0.02 4.01 -15.53
CA ARG A 285 -1.41 3.79 -15.42
C ARG A 285 -1.96 2.63 -16.23
N THR A 286 -3.00 1.99 -15.70
CA THR A 286 -3.63 0.89 -16.41
C THR A 286 -5.15 0.96 -16.27
N TRP A 287 -5.81 0.43 -17.28
CA TRP A 287 -7.26 0.39 -17.36
C TRP A 287 -7.56 -1.01 -17.84
N LEU A 288 -8.34 -1.75 -17.08
CA LEU A 288 -8.66 -3.14 -17.42
C LEU A 288 -10.14 -3.44 -17.35
N GLU A 289 -10.65 -4.08 -18.39
CA GLU A 289 -12.06 -4.46 -18.42
C GLU A 289 -12.17 -5.98 -18.56
N HIS A 290 -12.78 -6.61 -17.56
CA HIS A 290 -13.04 -8.04 -17.62
C HIS A 290 -14.46 -8.07 -18.17
N ASN A 291 -14.59 -8.16 -19.49
CA ASN A 291 -15.92 -8.17 -20.10
C ASN A 291 -16.55 -9.55 -20.18
N LYS A 292 -15.72 -10.59 -20.16
CA LYS A 292 -16.23 -11.95 -20.18
C LYS A 292 -15.72 -12.64 -18.93
N GLY A 293 -16.33 -13.75 -18.56
CA GLY A 293 -15.88 -14.45 -17.37
C GLY A 293 -14.73 -15.41 -17.61
N PHE A 294 -14.33 -16.10 -16.54
CA PHE A 294 -13.26 -17.10 -16.56
C PHE A 294 -11.87 -16.61 -16.96
N CYS A 295 -11.61 -15.32 -16.80
CA CYS A 295 -10.29 -14.79 -17.13
C CYS A 295 -9.51 -14.51 -15.86
N ASN A 296 -8.19 -14.63 -15.95
CA ASN A 296 -7.30 -14.39 -14.82
C ASN A 296 -6.37 -13.23 -15.17
N SER A 297 -6.33 -12.21 -14.31
CA SER A 297 -5.46 -11.07 -14.57
C SER A 297 -4.60 -10.79 -13.34
N ARG A 298 -3.32 -10.51 -13.57
CA ARG A 298 -2.39 -10.19 -12.50
C ARG A 298 -1.59 -8.94 -12.88
N GLN A 299 -1.42 -8.03 -11.93
CA GLN A 299 -0.66 -6.81 -12.17
C GLN A 299 0.29 -6.53 -11.03
N LEU A 300 1.54 -6.25 -11.37
CA LEU A 300 2.56 -5.94 -10.40
C LEU A 300 3.25 -4.68 -10.88
N HIS A 301 3.02 -3.58 -10.17
CA HIS A 301 3.63 -2.30 -10.51
C HIS A 301 4.47 -1.84 -9.34
N LYS A 302 5.77 -1.70 -9.56
CA LYS A 302 6.67 -1.25 -8.50
C LYS A 302 7.32 0.05 -8.87
N THR A 303 7.66 0.83 -7.84
CA THR A 303 8.30 2.11 -8.05
C THR A 303 9.41 2.31 -7.04
N ILE A 304 10.43 3.04 -7.47
CA ILE A 304 11.58 3.36 -6.63
C ILE A 304 11.74 4.83 -6.92
N VAL A 305 11.51 5.65 -5.89
CA VAL A 305 11.60 7.09 -6.02
C VAL A 305 12.78 7.68 -5.25
N SER A 306 13.60 8.45 -5.95
CA SER A 306 14.76 9.09 -5.35
C SER A 306 14.43 10.52 -4.96
N ASP A 307 15.29 11.14 -4.16
CA ASP A 307 15.05 12.50 -3.70
C ASP A 307 14.53 13.44 -4.78
N LYS A 308 13.39 14.05 -4.48
CA LYS A 308 12.72 15.00 -5.36
C LYS A 308 12.03 14.36 -6.57
N GLY A 309 11.89 13.04 -6.54
CA GLY A 309 11.23 12.35 -7.63
C GLY A 309 9.79 12.07 -7.24
N ARG A 310 8.95 11.77 -8.22
CA ARG A 310 7.56 11.48 -7.91
C ARG A 310 7.01 10.37 -8.79
N ALA A 311 6.52 9.32 -8.16
CA ALA A 311 5.93 8.22 -8.91
C ALA A 311 4.42 8.32 -8.73
N VAL A 312 3.70 8.05 -9.81
CA VAL A 312 2.25 8.08 -9.79
C VAL A 312 1.72 6.77 -10.38
N PHE A 313 0.80 6.14 -9.67
CA PHE A 313 0.18 4.91 -10.15
C PHE A 313 -1.32 5.08 -10.14
N ASN A 314 -1.97 4.58 -11.18
CA ASN A 314 -3.43 4.64 -11.29
C ASN A 314 -3.83 3.32 -11.96
N GLY A 315 -4.66 2.53 -11.27
CA GLY A 315 -5.08 1.25 -11.82
C GLY A 315 -6.56 0.98 -11.70
N LEU A 316 -7.26 1.09 -12.83
CA LEU A 316 -8.69 0.87 -12.88
C LEU A 316 -9.02 -0.55 -13.37
N ILE A 317 -9.87 -1.23 -12.62
CA ILE A 317 -10.32 -2.56 -12.97
C ILE A 317 -11.84 -2.58 -12.91
N ASN A 318 -12.46 -2.83 -14.05
CA ASN A 318 -13.90 -2.93 -14.11
C ASN A 318 -14.26 -4.38 -14.47
N VAL A 319 -15.13 -4.99 -13.67
CA VAL A 319 -15.55 -6.36 -13.91
C VAL A 319 -17.05 -6.30 -14.24
N ALA A 320 -17.38 -6.57 -15.50
CA ALA A 320 -18.76 -6.51 -15.97
C ALA A 320 -19.65 -7.59 -15.35
N GLN A 321 -20.95 -7.31 -15.33
CA GLN A 321 -21.89 -8.27 -14.78
C GLN A 321 -21.83 -9.50 -15.69
N HIS A 322 -22.05 -10.68 -15.14
CA HIS A 322 -21.99 -11.92 -15.94
C HIS A 322 -20.56 -12.39 -16.15
N ALA A 323 -19.57 -11.60 -15.74
CA ALA A 323 -18.17 -12.01 -15.88
C ALA A 323 -17.81 -12.88 -14.68
N ILE A 324 -18.56 -13.96 -14.49
CA ILE A 324 -18.31 -14.87 -13.39
C ILE A 324 -16.94 -15.53 -13.54
N LYS A 325 -16.41 -16.00 -12.42
CA LYS A 325 -15.12 -16.66 -12.37
C LYS A 325 -13.97 -15.75 -12.76
N THR A 326 -14.18 -14.44 -12.63
CA THR A 326 -13.11 -13.47 -12.90
C THR A 326 -12.14 -13.62 -11.73
N ASP A 327 -10.84 -13.62 -12.00
CA ASP A 327 -9.84 -13.72 -10.96
C ASP A 327 -8.82 -12.63 -11.27
N GLY A 328 -8.97 -11.47 -10.63
CA GLY A 328 -8.06 -10.37 -10.88
C GLY A 328 -7.37 -9.83 -9.65
N GLN A 329 -6.06 -9.63 -9.77
CA GLN A 329 -5.26 -9.10 -8.69
C GLN A 329 -4.38 -7.96 -9.19
N MET A 330 -4.10 -7.02 -8.30
CA MET A 330 -3.27 -5.88 -8.64
C MET A 330 -2.44 -5.53 -7.41
N THR A 331 -1.13 -5.41 -7.59
CA THR A 331 -0.23 -5.08 -6.48
C THR A 331 0.68 -3.94 -6.89
N ASN A 332 0.86 -3.00 -5.96
CA ASN A 332 1.68 -1.82 -6.19
C ASN A 332 2.58 -1.61 -4.97
N ASN A 333 3.86 -1.94 -5.12
CA ASN A 333 4.84 -1.78 -4.04
C ASN A 333 5.74 -0.59 -4.38
N ASN A 334 5.78 0.38 -3.47
CA ASN A 334 6.56 1.60 -3.68
C ASN A 334 7.68 1.73 -2.65
N LEU A 335 8.88 2.01 -3.13
CA LEU A 335 10.04 2.16 -2.28
C LEU A 335 10.52 3.61 -2.40
N LEU A 336 10.57 4.33 -1.28
CA LEU A 336 10.99 5.72 -1.31
C LEU A 336 12.43 5.82 -0.82
N MET A 337 13.28 6.47 -1.60
CA MET A 337 14.72 6.59 -1.29
C MET A 337 15.16 7.76 -0.42
N GLY A 338 14.39 8.84 -0.39
CA GLY A 338 14.77 9.98 0.43
C GLY A 338 13.61 10.72 1.07
N LYS A 339 13.93 11.73 1.87
CA LYS A 339 12.93 12.53 2.58
C LYS A 339 12.17 13.52 1.68
N LEU A 340 12.58 13.64 0.42
CA LEU A 340 11.91 14.57 -0.47
C LEU A 340 11.19 13.85 -1.61
N ALA A 341 11.18 12.52 -1.54
CA ALA A 341 10.52 11.70 -2.56
C ALA A 341 9.00 11.65 -2.35
N GLU A 342 8.27 11.45 -3.43
CA GLU A 342 6.81 11.38 -3.37
C GLU A 342 6.21 10.23 -4.17
N VAL A 343 5.04 9.78 -3.74
CA VAL A 343 4.33 8.72 -4.45
C VAL A 343 2.82 8.85 -4.21
N ASP A 344 2.07 8.79 -5.30
CA ASP A 344 0.62 8.88 -5.26
C ASP A 344 0.11 7.65 -5.98
N THR A 345 -0.76 6.89 -5.32
CA THR A 345 -1.28 5.68 -5.93
C THR A 345 -2.78 5.60 -5.75
N LYS A 346 -3.46 5.26 -6.84
CA LYS A 346 -4.92 5.20 -6.84
C LYS A 346 -5.54 3.98 -7.53
N PRO A 347 -5.73 2.88 -6.80
CA PRO A 347 -6.36 1.71 -7.42
C PRO A 347 -7.86 2.02 -7.45
N GLN A 348 -8.57 1.51 -8.44
CA GLN A 348 -10.00 1.79 -8.55
C GLN A 348 -10.73 0.54 -9.05
N LEU A 349 -11.48 -0.10 -8.16
CA LEU A 349 -12.21 -1.32 -8.51
C LEU A 349 -13.70 -1.08 -8.66
N GLU A 350 -14.24 -1.54 -9.79
CA GLU A 350 -15.67 -1.43 -10.09
C GLU A 350 -16.08 -2.86 -10.41
N ILE A 351 -16.66 -3.54 -9.42
CA ILE A 351 -17.04 -4.92 -9.56
C ILE A 351 -18.54 -5.13 -9.60
N TYR A 352 -19.03 -5.65 -10.73
CA TYR A 352 -20.46 -5.88 -10.92
C TYR A 352 -20.88 -7.34 -11.07
N ALA A 353 -20.07 -8.24 -10.52
CA ALA A 353 -20.34 -9.68 -10.55
C ALA A 353 -19.91 -10.22 -9.19
N ASP A 354 -20.73 -11.05 -8.56
CA ASP A 354 -20.39 -11.58 -7.24
C ASP A 354 -19.47 -12.80 -7.25
N ASP A 355 -19.67 -13.69 -8.20
CA ASP A 355 -18.87 -14.91 -8.28
C ASP A 355 -17.47 -14.62 -8.79
N VAL A 356 -16.71 -13.84 -8.02
CA VAL A 356 -15.36 -13.47 -8.42
C VAL A 356 -14.41 -13.43 -7.24
N LYS A 357 -13.13 -13.24 -7.55
CA LYS A 357 -12.08 -13.12 -6.55
C LYS A 357 -11.22 -11.97 -7.04
N CYS A 358 -11.46 -10.79 -6.51
CA CYS A 358 -10.69 -9.62 -6.91
C CYS A 358 -10.05 -8.97 -5.71
N SER A 359 -8.86 -8.43 -5.91
CA SER A 359 -8.18 -7.78 -4.82
C SER A 359 -7.08 -6.86 -5.31
N HIS A 360 -6.78 -5.87 -4.48
CA HIS A 360 -5.73 -4.93 -4.77
C HIS A 360 -4.97 -4.68 -3.49
N GLY A 361 -3.69 -4.36 -3.62
CA GLY A 361 -2.87 -4.08 -2.46
C GLY A 361 -1.75 -3.14 -2.88
N ALA A 362 -1.36 -2.25 -1.98
CA ALA A 362 -0.29 -1.30 -2.24
C ALA A 362 0.47 -1.01 -0.96
N THR A 363 1.79 -0.89 -1.08
CA THR A 363 2.63 -0.58 0.07
C THR A 363 3.56 0.57 -0.28
N VAL A 364 3.97 1.30 0.75
CA VAL A 364 4.90 2.40 0.60
C VAL A 364 5.81 2.33 1.83
N GLY A 365 7.11 2.39 1.59
CA GLY A 365 8.08 2.33 2.67
C GLY A 365 9.45 2.58 2.08
N ARG A 366 10.47 2.63 2.92
CA ARG A 366 11.81 2.84 2.38
C ARG A 366 12.58 1.54 2.41
N ILE A 367 13.74 1.52 1.76
CA ILE A 367 14.57 0.33 1.72
C ILE A 367 14.81 -0.15 3.15
N ASP A 368 14.91 -1.47 3.31
CA ASP A 368 15.13 -2.07 4.61
C ASP A 368 16.59 -1.85 5.05
N ASP A 369 16.81 -0.82 5.86
CA ASP A 369 18.13 -0.47 6.35
C ASP A 369 18.84 -1.53 7.18
N GLU A 370 18.08 -2.38 7.86
CA GLU A 370 18.67 -3.43 8.68
C GLU A 370 19.33 -4.46 7.79
N GLN A 371 18.73 -4.75 6.63
CA GLN A 371 19.31 -5.71 5.70
C GLN A 371 20.57 -5.13 5.08
N ILE A 372 20.54 -3.83 4.76
CA ILE A 372 21.69 -3.18 4.17
C ILE A 372 22.88 -3.21 5.14
N PHE A 373 22.61 -2.89 6.41
CA PHE A 373 23.67 -2.90 7.42
C PHE A 373 24.22 -4.31 7.62
N TYR A 374 23.34 -5.30 7.56
CA TYR A 374 23.74 -6.70 7.73
C TYR A 374 24.72 -7.08 6.62
N LEU A 375 24.37 -6.73 5.39
CA LEU A 375 25.23 -7.02 4.24
C LEU A 375 26.57 -6.30 4.40
N ARG A 376 26.52 -5.03 4.79
CA ARG A 376 27.74 -4.25 4.98
C ARG A 376 28.62 -4.81 6.12
N SER A 377 28.00 -5.26 7.21
CA SER A 377 28.80 -5.80 8.33
C SER A 377 29.55 -7.07 7.94
N ARG A 378 29.20 -7.66 6.81
CA ARG A 378 29.90 -8.86 6.36
C ARG A 378 30.97 -8.46 5.34
N GLY A 379 31.04 -7.17 5.00
CA GLY A 379 32.05 -6.72 4.06
C GLY A 379 31.59 -6.10 2.74
N ILE A 380 30.31 -6.25 2.38
CA ILE A 380 29.81 -5.68 1.13
C ILE A 380 29.66 -4.16 1.25
N ASN A 381 30.26 -3.40 0.35
CA ASN A 381 30.14 -1.95 0.45
C ASN A 381 28.71 -1.44 0.26
N GLN A 382 28.47 -0.24 0.77
CA GLN A 382 27.15 0.39 0.71
C GLN A 382 26.48 0.33 -0.66
N GLN A 383 27.22 0.72 -1.70
CA GLN A 383 26.68 0.71 -3.07
C GLN A 383 26.18 -0.67 -3.49
N ASP A 384 27.01 -1.69 -3.30
CA ASP A 384 26.66 -3.05 -3.67
C ASP A 384 25.56 -3.64 -2.82
N ALA A 385 25.54 -3.31 -1.53
CA ALA A 385 24.50 -3.81 -0.64
C ALA A 385 23.17 -3.24 -1.11
N GLN A 386 23.14 -1.94 -1.33
CA GLN A 386 21.95 -1.26 -1.80
C GLN A 386 21.44 -1.84 -3.13
N GLN A 387 22.35 -2.03 -4.08
CA GLN A 387 21.99 -2.57 -5.39
C GLN A 387 21.40 -3.98 -5.28
N MET A 388 22.02 -4.82 -4.45
CA MET A 388 21.55 -6.19 -4.26
C MET A 388 20.10 -6.20 -3.74
N ILE A 389 19.79 -5.29 -2.82
CA ILE A 389 18.45 -5.23 -2.25
C ILE A 389 17.42 -4.66 -3.23
N ILE A 390 17.82 -3.67 -4.02
CA ILE A 390 16.90 -3.10 -5.01
C ILE A 390 16.64 -4.17 -6.08
N TYR A 391 17.69 -4.88 -6.50
CA TYR A 391 17.53 -5.92 -7.50
C TYR A 391 16.61 -7.01 -6.96
N ALA A 392 16.69 -7.28 -5.67
CA ALA A 392 15.83 -8.29 -5.06
C ALA A 392 14.39 -7.75 -5.12
N PHE A 393 14.25 -6.45 -4.91
CA PHE A 393 12.95 -5.79 -4.94
C PHE A 393 12.31 -5.91 -6.35
N ALA A 394 13.10 -5.68 -7.38
CA ALA A 394 12.62 -5.73 -8.77
C ALA A 394 12.71 -7.12 -9.43
N ALA A 395 13.27 -8.09 -8.70
CA ALA A 395 13.46 -9.44 -9.22
C ALA A 395 12.26 -10.05 -9.93
N GLU A 396 11.08 -9.93 -9.34
CA GLU A 396 9.89 -10.50 -9.94
C GLU A 396 9.54 -9.84 -11.29
N LEU A 397 9.94 -8.59 -11.48
CA LEU A 397 9.67 -7.90 -12.73
C LEU A 397 10.71 -8.21 -13.81
N THR A 398 11.98 -8.21 -13.41
CA THR A 398 13.08 -8.47 -14.35
C THR A 398 13.15 -9.94 -14.78
N GLU A 399 12.83 -10.86 -13.88
CA GLU A 399 12.86 -12.26 -14.25
C GLU A 399 11.72 -12.60 -15.20
N ALA A 400 10.67 -11.77 -15.20
CA ALA A 400 9.52 -12.00 -16.08
C ALA A 400 9.88 -11.71 -17.54
N LEU A 401 11.03 -11.08 -17.74
CA LEU A 401 11.49 -10.78 -19.09
C LEU A 401 11.80 -12.10 -19.82
N ARG A 402 12.12 -13.14 -19.05
CA ARG A 402 12.46 -14.44 -19.62
C ARG A 402 13.55 -14.32 -20.66
N ASP A 403 14.51 -13.44 -20.41
CA ASP A 403 15.64 -13.22 -21.32
C ASP A 403 16.79 -12.63 -20.51
N GLU A 404 17.73 -13.49 -20.14
CA GLU A 404 18.89 -13.09 -19.34
C GLU A 404 19.70 -11.95 -19.95
N GLY A 405 20.03 -12.06 -21.23
CA GLY A 405 20.81 -11.03 -21.90
C GLY A 405 20.14 -9.67 -21.79
N LEU A 406 18.84 -9.63 -22.06
CA LEU A 406 18.09 -8.38 -21.97
C LEU A 406 18.01 -7.95 -20.51
N LYS A 407 17.73 -8.89 -19.64
CA LYS A 407 17.62 -8.63 -18.20
C LYS A 407 18.83 -7.87 -17.64
N GLN A 408 20.04 -8.25 -18.07
CA GLN A 408 21.25 -7.60 -17.59
C GLN A 408 21.33 -6.13 -18.00
N GLN A 409 20.85 -5.83 -19.20
CA GLN A 409 20.88 -4.44 -19.68
C GLN A 409 19.81 -3.62 -18.95
N VAL A 410 18.67 -4.23 -18.63
CA VAL A 410 17.63 -3.50 -17.89
C VAL A 410 18.14 -3.26 -16.48
N LEU A 411 18.83 -4.26 -15.92
CA LEU A 411 19.39 -4.11 -14.57
C LEU A 411 20.46 -3.04 -14.55
N ALA A 412 21.24 -2.95 -15.62
CA ALA A 412 22.28 -1.94 -15.72
C ALA A 412 21.64 -0.55 -15.67
N ARG A 413 20.50 -0.41 -16.35
CA ARG A 413 19.77 0.86 -16.38
C ARG A 413 19.25 1.18 -14.98
N ILE A 414 18.76 0.15 -14.28
CA ILE A 414 18.23 0.33 -12.93
C ILE A 414 19.35 0.76 -11.97
N GLY A 415 20.44 0.01 -11.97
CA GLY A 415 21.56 0.30 -11.10
C GLY A 415 22.15 1.69 -11.25
N GLN A 416 22.10 2.21 -12.48
CA GLN A 416 22.62 3.54 -12.80
C GLN A 416 21.77 4.67 -12.24
N ARG A 417 20.51 4.39 -11.91
CA ARG A 417 19.64 5.42 -11.39
C ARG A 417 19.56 5.43 -9.86
N LEU A 418 20.29 4.53 -9.22
CA LEU A 418 20.29 4.49 -7.77
C LEU A 418 21.22 5.55 -7.21
N PRO A 419 20.86 6.13 -6.06
CA PRO A 419 21.68 7.17 -5.43
C PRO A 419 23.07 6.68 -5.08
N GLY A 420 23.15 5.55 -4.39
CA GLY A 420 24.42 4.99 -4.01
C GLY A 420 25.21 4.42 -5.18
N GLY A 421 24.92 4.92 -6.37
CA GLY A 421 25.61 4.43 -7.56
C GLY A 421 26.21 5.54 -8.38
N ALA A 422 25.39 6.50 -8.79
CA ALA A 422 25.85 7.63 -9.59
C ALA A 422 25.24 8.94 -9.08
N ARG A 423 23.91 8.96 -8.95
CA ARG A 423 23.21 10.16 -8.48
C ARG A 423 23.72 11.39 -9.25
N ASN B 9 -35.18 24.23 -8.30
CA ASN B 9 -34.41 22.97 -8.07
C ASN B 9 -33.95 22.88 -6.61
N ALA B 10 -33.41 21.73 -6.24
CA ALA B 10 -32.94 21.47 -4.87
C ALA B 10 -32.15 22.63 -4.24
N LEU B 11 -31.17 23.15 -4.97
CA LEU B 11 -30.35 24.24 -4.48
C LEU B 11 -31.20 25.48 -4.14
N GLN B 12 -32.18 25.76 -4.99
CA GLN B 12 -33.09 26.89 -4.80
C GLN B 12 -33.93 26.69 -3.53
N GLN B 13 -34.46 25.47 -3.37
CA GLN B 13 -35.28 25.13 -2.21
C GLN B 13 -34.48 25.24 -0.92
N TRP B 14 -33.28 24.68 -0.90
CA TRP B 14 -32.46 24.74 0.31
C TRP B 14 -32.15 26.19 0.63
N HIS B 15 -31.89 26.99 -0.39
CA HIS B 15 -31.61 28.41 -0.17
C HIS B 15 -32.85 29.04 0.47
N HIS B 16 -34.02 28.62 -0.01
CA HIS B 16 -35.28 29.12 0.52
C HIS B 16 -35.42 28.73 2.01
N LEU B 17 -35.12 27.47 2.33
CA LEU B 17 -35.19 27.01 3.72
C LEU B 17 -34.24 27.81 4.60
N PHE B 18 -33.09 28.15 4.04
CA PHE B 18 -32.09 28.92 4.78
C PHE B 18 -32.68 30.31 5.11
N GLU B 19 -33.32 30.93 4.13
CA GLU B 19 -33.91 32.26 4.30
C GLU B 19 -35.23 32.27 5.07
N ALA B 20 -35.97 31.17 5.02
CA ALA B 20 -37.25 31.07 5.71
C ALA B 20 -37.09 31.46 7.19
N GLU B 21 -35.85 31.39 7.68
CA GLU B 21 -35.54 31.76 9.06
C GLU B 21 -34.30 32.63 9.04
N GLY B 22 -34.03 33.23 7.89
CA GLY B 22 -32.88 34.09 7.69
C GLY B 22 -32.42 34.89 8.90
N THR B 23 -33.36 35.53 9.58
CA THR B 23 -33.03 36.35 10.75
C THR B 23 -32.17 35.60 11.78
N LYS B 24 -32.41 34.31 11.93
CA LYS B 24 -31.65 33.51 12.90
C LYS B 24 -30.41 32.80 12.36
N ARG B 25 -29.91 33.20 11.20
CA ARG B 25 -28.73 32.53 10.64
C ARG B 25 -27.42 33.21 11.07
N SER B 26 -26.49 32.39 11.57
CA SER B 26 -25.19 32.87 12.03
C SER B 26 -24.30 33.26 10.84
N PRO B 27 -23.24 34.04 11.09
CA PRO B 27 -22.33 34.45 10.02
C PRO B 27 -21.65 33.25 9.40
N GLN B 28 -21.28 32.28 10.23
CA GLN B 28 -20.63 31.08 9.74
C GLN B 28 -21.59 30.30 8.85
N ALA B 29 -22.85 30.19 9.28
CA ALA B 29 -23.86 29.50 8.50
C ALA B 29 -23.98 30.17 7.13
N GLN B 30 -23.99 31.49 7.13
CA GLN B 30 -24.10 32.27 5.90
C GLN B 30 -22.90 32.00 4.99
N GLN B 31 -21.72 31.87 5.58
CA GLN B 31 -20.51 31.60 4.82
C GLN B 31 -20.59 30.23 4.13
N HIS B 32 -21.17 29.25 4.81
CA HIS B 32 -21.31 27.92 4.23
C HIS B 32 -22.37 27.89 3.13
N LEU B 33 -23.43 28.68 3.33
CA LEU B 33 -24.49 28.77 2.33
C LEU B 33 -23.89 29.33 1.04
N GLN B 34 -23.01 30.33 1.17
CA GLN B 34 -22.36 30.91 0.00
C GLN B 34 -21.52 29.88 -0.75
N GLN B 35 -20.74 29.10 -0.01
CA GLN B 35 -19.90 28.07 -0.61
C GLN B 35 -20.79 27.04 -1.29
N LEU B 36 -21.93 26.73 -0.67
CA LEU B 36 -22.86 25.76 -1.24
C LEU B 36 -23.33 26.23 -2.62
N LEU B 37 -23.79 27.48 -2.69
CA LEU B 37 -24.28 28.05 -3.93
C LEU B 37 -23.18 28.23 -4.97
N ARG B 38 -21.95 28.35 -4.50
CA ARG B 38 -20.79 28.54 -5.36
C ARG B 38 -20.42 27.21 -6.06
N THR B 39 -20.15 26.19 -5.25
CA THR B 39 -19.77 24.89 -5.78
C THR B 39 -20.93 24.18 -6.47
N GLY B 40 -22.16 24.42 -6.02
CA GLY B 40 -23.31 23.78 -6.62
C GLY B 40 -23.37 22.28 -6.38
N LEU B 41 -24.30 21.60 -7.05
CA LEU B 41 -24.45 20.16 -6.91
C LEU B 41 -23.62 19.39 -7.93
N PRO B 42 -22.97 18.31 -7.51
CA PRO B 42 -22.14 17.49 -8.40
C PRO B 42 -22.95 16.60 -9.33
N THR B 43 -22.33 16.21 -10.44
CA THR B 43 -22.96 15.33 -11.42
C THR B 43 -22.18 14.01 -11.31
N ARG B 44 -22.62 12.97 -12.02
CA ARG B 44 -21.92 11.70 -11.96
C ARG B 44 -20.53 11.78 -12.60
N LYS B 45 -20.18 12.95 -13.13
CA LYS B 45 -18.88 13.17 -13.74
C LYS B 45 -17.88 13.72 -12.74
N HIS B 46 -18.36 14.19 -11.60
CA HIS B 46 -17.46 14.70 -10.57
C HIS B 46 -16.66 13.52 -10.03
N GLU B 47 -15.40 13.78 -9.74
CA GLU B 47 -14.47 12.78 -9.22
C GLU B 47 -14.96 11.91 -8.05
N ASN B 48 -15.67 12.49 -7.10
CA ASN B 48 -16.14 11.74 -5.94
C ASN B 48 -17.63 11.40 -5.98
N TRP B 49 -18.24 11.46 -7.17
CA TRP B 49 -19.67 11.21 -7.29
C TRP B 49 -20.09 10.27 -8.40
N LYS B 50 -19.17 9.43 -8.86
CA LYS B 50 -19.46 8.50 -9.93
C LYS B 50 -20.48 7.41 -9.59
N TYR B 51 -20.49 6.96 -8.34
CA TYR B 51 -21.38 5.87 -7.97
C TYR B 51 -22.51 6.15 -7.00
N THR B 52 -22.65 7.40 -6.55
CA THR B 52 -23.70 7.73 -5.60
C THR B 52 -24.76 8.64 -6.24
N PRO B 53 -25.96 8.09 -6.51
CA PRO B 53 -27.06 8.83 -7.13
C PRO B 53 -27.72 9.90 -6.27
N LEU B 54 -27.93 11.07 -6.85
CA LEU B 54 -28.56 12.18 -6.15
C LEU B 54 -29.94 12.51 -6.71
N GLU B 55 -30.31 11.87 -7.82
CA GLU B 55 -31.60 12.12 -8.47
C GLU B 55 -32.79 11.95 -7.54
N GLY B 56 -32.83 10.84 -6.81
CA GLY B 56 -33.92 10.60 -5.89
C GLY B 56 -34.04 11.70 -4.84
N LEU B 57 -32.99 12.50 -4.73
CA LEU B 57 -32.97 13.57 -3.75
C LEU B 57 -33.19 14.96 -4.37
N ILE B 58 -32.52 15.25 -5.46
CA ILE B 58 -32.65 16.57 -6.08
C ILE B 58 -33.93 16.84 -6.87
N ASN B 59 -34.74 15.81 -7.13
CA ASN B 59 -35.99 16.00 -7.86
C ASN B 59 -37.15 16.08 -6.87
N SER B 60 -36.83 16.27 -5.60
CA SER B 60 -37.86 16.32 -4.57
C SER B 60 -38.30 17.73 -4.18
N GLN B 61 -39.45 17.81 -3.54
CA GLN B 61 -39.96 19.06 -3.03
C GLN B 61 -39.66 18.96 -1.54
N PHE B 62 -38.83 19.87 -1.04
CA PHE B 62 -38.43 19.84 0.37
C PHE B 62 -39.20 20.78 1.29
N VAL B 63 -39.21 20.40 2.57
CA VAL B 63 -39.82 21.18 3.64
C VAL B 63 -38.91 20.90 4.84
N SER B 64 -39.05 21.72 5.88
CA SER B 64 -38.28 21.52 7.09
C SER B 64 -39.17 21.99 8.24
N ILE B 65 -39.88 21.03 8.84
CA ILE B 65 -40.77 21.32 9.95
C ILE B 65 -40.41 20.42 11.13
N ALA B 66 -40.53 20.97 12.33
CA ALA B 66 -40.24 20.24 13.55
C ALA B 66 -41.53 19.87 14.25
N GLY B 67 -41.71 18.58 14.50
CA GLY B 67 -42.92 18.12 15.17
C GLY B 67 -42.66 17.62 16.58
N GLU B 68 -43.74 17.46 17.33
CA GLU B 68 -43.65 16.99 18.70
C GLU B 68 -43.82 15.48 18.78
N ILE B 69 -43.02 14.88 19.64
CA ILE B 69 -43.00 13.45 19.85
C ILE B 69 -43.11 13.21 21.37
N SER B 70 -43.83 12.17 21.76
CA SER B 70 -44.02 11.84 23.18
C SER B 70 -42.90 10.97 23.75
N PRO B 71 -42.82 10.87 25.09
CA PRO B 71 -41.80 10.05 25.73
C PRO B 71 -41.96 8.60 25.29
N GLN B 72 -43.21 8.20 25.07
CA GLN B 72 -43.52 6.84 24.63
C GLN B 72 -42.93 6.54 23.25
N GLN B 73 -43.12 7.47 22.31
CA GLN B 73 -42.57 7.26 20.96
C GLN B 73 -41.03 7.17 21.03
N ARG B 74 -40.43 8.02 21.85
CA ARG B 74 -38.99 8.02 22.01
C ARG B 74 -38.53 6.68 22.59
N ASP B 75 -39.13 6.28 23.71
CA ASP B 75 -38.78 5.02 24.35
C ASP B 75 -38.87 3.82 23.41
N ALA B 76 -39.89 3.81 22.56
CA ALA B 76 -40.06 2.68 21.63
C ALA B 76 -38.95 2.58 20.60
N LEU B 77 -38.24 3.67 20.35
CA LEU B 77 -37.17 3.69 19.36
C LEU B 77 -35.78 3.74 19.99
N ALA B 78 -35.73 4.06 21.27
CA ALA B 78 -34.47 4.17 21.99
C ALA B 78 -33.71 2.86 22.21
N LEU B 79 -32.38 2.98 22.31
CA LEU B 79 -31.52 1.83 22.58
C LEU B 79 -31.67 1.49 24.05
N THR B 80 -31.50 0.21 24.40
CA THR B 80 -31.55 -0.17 25.81
C THR B 80 -30.10 0.05 26.24
N LEU B 81 -29.87 1.09 27.05
CA LEU B 81 -28.50 1.39 27.47
C LEU B 81 -28.45 2.42 28.59
N ASP B 82 -27.51 2.23 29.51
CA ASP B 82 -27.33 3.15 30.62
C ASP B 82 -26.42 4.28 30.13
N SER B 83 -27.00 5.45 29.89
CA SER B 83 -26.19 6.57 29.40
C SER B 83 -26.79 7.92 29.73
N VAL B 84 -26.11 8.96 29.27
CA VAL B 84 -26.58 10.33 29.42
C VAL B 84 -27.12 10.59 28.01
N ARG B 85 -28.43 10.48 27.86
CA ARG B 85 -29.09 10.63 26.58
C ARG B 85 -29.68 12.00 26.25
N LEU B 86 -29.19 12.59 25.16
CA LEU B 86 -29.71 13.87 24.69
C LEU B 86 -30.56 13.49 23.48
N VAL B 87 -31.77 14.04 23.40
CA VAL B 87 -32.67 13.72 22.31
C VAL B 87 -32.93 14.88 21.36
N PHE B 88 -32.79 14.60 20.06
CA PHE B 88 -33.00 15.58 19.01
C PHE B 88 -34.12 15.09 18.10
N VAL B 89 -35.09 15.96 17.83
CA VAL B 89 -36.23 15.60 17.01
C VAL B 89 -36.43 16.60 15.87
N ASP B 90 -36.53 16.08 14.65
CA ASP B 90 -36.73 16.92 13.47
C ASP B 90 -35.81 18.14 13.42
N GLY B 91 -34.52 17.92 13.65
CA GLY B 91 -33.58 19.02 13.57
C GLY B 91 -33.30 19.82 14.82
N ARG B 92 -33.87 19.45 15.96
CA ARG B 92 -33.58 20.23 17.16
C ARG B 92 -33.51 19.47 18.47
N TYR B 93 -32.74 20.02 19.41
CA TYR B 93 -32.58 19.47 20.75
C TYR B 93 -33.92 19.63 21.46
N VAL B 94 -34.41 18.57 22.08
CA VAL B 94 -35.68 18.64 22.80
C VAL B 94 -35.45 18.47 24.30
N PRO B 95 -35.52 19.58 25.05
CA PRO B 95 -35.32 19.55 26.52
C PRO B 95 -36.21 18.52 27.22
N ALA B 96 -37.52 18.58 26.96
CA ALA B 96 -38.47 17.67 27.60
C ALA B 96 -38.20 16.18 27.40
N LEU B 97 -37.36 15.83 26.43
CA LEU B 97 -37.09 14.42 26.19
C LEU B 97 -35.66 14.01 26.54
N SER B 98 -34.83 14.99 26.89
CA SER B 98 -33.43 14.70 27.19
C SER B 98 -33.09 14.52 28.67
N ASP B 99 -32.05 13.74 28.95
CA ASP B 99 -31.60 13.49 30.32
C ASP B 99 -30.92 14.74 30.86
N ALA B 100 -30.91 14.88 32.18
CA ALA B 100 -30.23 16.02 32.77
C ALA B 100 -28.73 15.71 32.65
N THR B 101 -27.91 16.74 32.45
CA THR B 101 -26.48 16.53 32.32
C THR B 101 -25.73 17.01 33.57
N GLU B 102 -26.45 17.54 34.54
CA GLU B 102 -25.82 18.03 35.77
C GLU B 102 -25.05 16.92 36.48
N GLY B 103 -23.78 17.20 36.77
CA GLY B 103 -22.93 16.24 37.44
C GLY B 103 -22.62 14.96 36.66
N SER B 104 -22.85 14.99 35.36
CA SER B 104 -22.61 13.80 34.53
C SER B 104 -21.17 13.72 34.02
N GLY B 105 -20.49 14.86 33.97
CA GLY B 105 -19.12 14.89 33.48
C GLY B 105 -19.12 15.53 32.10
N TYR B 106 -20.31 15.73 31.54
CA TYR B 106 -20.42 16.37 30.24
C TYR B 106 -20.98 17.77 30.41
N GLU B 107 -20.22 18.76 29.92
CA GLU B 107 -20.65 20.14 29.97
C GLU B 107 -21.37 20.35 28.63
N VAL B 108 -22.68 20.58 28.69
CA VAL B 108 -23.48 20.74 27.50
C VAL B 108 -24.19 22.07 27.37
N SER B 109 -24.04 22.70 26.22
CA SER B 109 -24.67 23.98 25.92
C SER B 109 -25.24 23.91 24.49
N ILE B 110 -26.51 24.31 24.34
CA ILE B 110 -27.15 24.28 23.02
C ILE B 110 -27.46 25.70 22.60
N ASN B 111 -26.76 26.19 21.58
CA ASN B 111 -26.97 27.55 21.09
C ASN B 111 -26.37 27.68 19.70
N ASP B 112 -26.66 28.79 19.03
CA ASP B 112 -26.13 28.98 17.69
C ASP B 112 -24.86 29.84 17.61
N ASP B 113 -24.13 29.92 18.72
CA ASP B 113 -22.87 30.66 18.76
C ASP B 113 -21.86 29.70 18.17
N ARG B 114 -21.24 30.05 17.05
CA ARG B 114 -20.28 29.16 16.40
C ARG B 114 -18.86 29.68 16.37
N GLN B 115 -18.59 30.72 17.17
CA GLN B 115 -17.28 31.34 17.23
C GLN B 115 -16.09 30.38 17.41
N GLY B 116 -16.20 29.43 18.33
CA GLY B 116 -15.09 28.53 18.55
C GLY B 116 -14.95 27.31 17.65
N LEU B 117 -15.88 27.11 16.72
CA LEU B 117 -15.82 25.95 15.84
C LEU B 117 -14.64 25.98 14.87
N PRO B 118 -13.89 24.87 14.79
CA PRO B 118 -12.74 24.79 13.89
C PRO B 118 -13.19 24.71 12.43
N ASP B 119 -12.28 25.01 11.50
CA ASP B 119 -12.63 24.94 10.09
C ASP B 119 -12.78 23.50 9.64
N ALA B 120 -13.49 23.32 8.52
CA ALA B 120 -13.70 21.99 7.98
C ALA B 120 -12.36 21.42 7.51
N ILE B 121 -12.12 20.14 7.82
CA ILE B 121 -10.90 19.48 7.38
C ILE B 121 -10.99 19.29 5.86
N GLN B 122 -12.18 18.93 5.40
CA GLN B 122 -12.42 18.68 3.97
C GLN B 122 -13.80 19.19 3.61
N ALA B 123 -13.85 20.40 3.07
CA ALA B 123 -15.12 21.00 2.68
C ALA B 123 -15.73 20.31 1.46
N GLU B 124 -17.04 20.11 1.51
CA GLU B 124 -17.76 19.50 0.40
C GLU B 124 -19.23 19.89 0.46
N VAL B 125 -19.91 19.79 -0.67
CA VAL B 125 -21.31 20.18 -0.79
C VAL B 125 -22.28 19.86 0.36
N PHE B 126 -22.39 18.61 0.78
CA PHE B 126 -23.36 18.32 1.85
C PHE B 126 -22.93 18.77 3.22
N LEU B 127 -21.62 18.90 3.43
CA LEU B 127 -21.12 19.40 4.70
C LEU B 127 -21.57 20.86 4.81
N HIS B 128 -21.49 21.59 3.69
CA HIS B 128 -21.91 22.99 3.66
C HIS B 128 -23.40 23.13 3.89
N LEU B 129 -24.18 22.23 3.29
CA LEU B 129 -25.63 22.28 3.44
C LEU B 129 -25.98 22.15 4.92
N THR B 130 -25.42 21.15 5.57
CA THR B 130 -25.70 20.91 6.99
C THR B 130 -25.31 22.07 7.89
N GLU B 131 -24.11 22.61 7.68
CA GLU B 131 -23.65 23.75 8.47
C GLU B 131 -24.61 24.94 8.31
N SER B 132 -25.07 25.14 7.09
CA SER B 132 -25.93 26.28 6.78
C SER B 132 -27.37 26.13 7.28
N LEU B 133 -27.87 24.91 7.37
CA LEU B 133 -29.25 24.70 7.80
C LEU B 133 -29.46 24.32 9.26
N ALA B 134 -28.42 23.77 9.91
CA ALA B 134 -28.55 23.39 11.32
C ALA B 134 -29.10 24.55 12.13
N GLN B 135 -30.14 24.27 12.93
CA GLN B 135 -30.77 25.29 13.74
C GLN B 135 -29.83 25.83 14.81
N SER B 136 -29.11 24.92 15.45
CA SER B 136 -28.19 25.30 16.50
C SER B 136 -27.04 24.31 16.55
N VAL B 137 -26.17 24.47 17.54
CA VAL B 137 -25.04 23.60 17.71
C VAL B 137 -25.01 23.05 19.13
N THR B 138 -24.77 21.75 19.25
CA THR B 138 -24.68 21.14 20.56
C THR B 138 -23.23 21.25 21.00
N HIS B 139 -22.96 22.13 21.96
CA HIS B 139 -21.61 22.33 22.47
C HIS B 139 -21.37 21.37 23.62
N ILE B 140 -20.55 20.36 23.39
CA ILE B 140 -20.24 19.37 24.41
C ILE B 140 -18.76 19.46 24.77
N ALA B 141 -18.47 19.32 26.06
CA ALA B 141 -17.10 19.38 26.53
C ALA B 141 -16.89 18.51 27.77
N VAL B 142 -15.72 17.89 27.84
CA VAL B 142 -15.34 17.06 28.98
C VAL B 142 -14.05 17.67 29.49
N LYS B 143 -14.11 18.15 30.73
CA LYS B 143 -12.99 18.81 31.41
C LYS B 143 -11.73 17.95 31.47
N ARG B 144 -10.58 18.61 31.54
CA ARG B 144 -9.31 17.90 31.58
C ARG B 144 -9.28 16.83 32.65
N GLY B 145 -8.70 15.68 32.30
CA GLY B 145 -8.59 14.57 33.21
C GLY B 145 -9.89 13.86 33.56
N GLN B 146 -11.02 14.48 33.27
CA GLN B 146 -12.31 13.86 33.60
C GLN B 146 -12.71 12.66 32.76
N ARG B 147 -13.30 11.67 33.44
CA ARG B 147 -13.75 10.47 32.77
C ARG B 147 -15.18 10.14 33.16
N PRO B 148 -16.17 10.77 32.50
CA PRO B 148 -17.58 10.55 32.76
C PRO B 148 -17.90 9.08 33.02
N ALA B 149 -18.75 8.84 34.01
CA ALA B 149 -19.13 7.48 34.39
C ALA B 149 -19.97 6.76 33.33
N LYS B 150 -20.73 7.52 32.56
CA LYS B 150 -21.58 6.93 31.53
C LYS B 150 -21.30 7.48 30.14
N PRO B 151 -21.59 6.70 29.09
CA PRO B 151 -21.34 7.18 27.74
C PRO B 151 -22.42 8.20 27.37
N LEU B 152 -22.07 9.16 26.54
CA LEU B 152 -23.01 10.17 26.08
C LEU B 152 -23.70 9.61 24.84
N LEU B 153 -25.02 9.66 24.83
CA LEU B 153 -25.78 9.15 23.70
C LEU B 153 -26.58 10.30 23.10
N LEU B 154 -26.38 10.52 21.80
CA LEU B 154 -27.08 11.57 21.08
C LEU B 154 -28.04 10.82 20.15
N MET B 155 -29.31 10.80 20.54
CA MET B 155 -30.35 10.11 19.79
C MET B 155 -31.11 11.07 18.90
N HIS B 156 -31.12 10.80 17.60
CA HIS B 156 -31.80 11.65 16.63
C HIS B 156 -33.03 10.93 16.11
N ILE B 157 -34.17 11.61 16.16
CA ILE B 157 -35.41 11.04 15.67
C ILE B 157 -35.95 11.99 14.62
N THR B 158 -35.96 11.54 13.37
CA THR B 158 -36.45 12.37 12.28
C THR B 158 -37.66 11.73 11.64
N GLN B 159 -38.61 12.55 11.22
CA GLN B 159 -39.80 12.03 10.58
C GLN B 159 -40.05 12.73 9.26
N GLY B 160 -40.67 12.02 8.34
CA GLY B 160 -41.03 12.63 7.08
C GLY B 160 -42.47 13.04 7.24
N VAL B 161 -43.00 13.83 6.30
CA VAL B 161 -44.39 14.25 6.38
C VAL B 161 -45.20 13.45 5.39
N ALA B 162 -46.51 13.45 5.56
CA ALA B 162 -47.41 12.73 4.65
C ALA B 162 -47.36 13.43 3.31
N GLY B 163 -47.63 12.69 2.24
CA GLY B 163 -47.61 13.30 0.92
C GLY B 163 -46.30 13.08 0.19
N GLU B 164 -46.01 13.96 -0.76
CA GLU B 164 -44.79 13.86 -1.57
C GLU B 164 -43.62 14.68 -1.05
N GLU B 165 -43.89 15.67 -0.20
CA GLU B 165 -42.82 16.51 0.31
C GLU B 165 -41.83 15.69 1.14
N VAL B 166 -40.57 16.10 1.10
CA VAL B 166 -39.53 15.42 1.86
C VAL B 166 -39.02 16.31 2.97
N ASN B 167 -39.38 15.99 4.21
CA ASN B 167 -38.93 16.80 5.33
C ASN B 167 -37.42 16.59 5.52
N THR B 168 -36.71 17.67 5.75
CA THR B 168 -35.27 17.58 5.94
C THR B 168 -34.87 18.16 7.29
N ALA B 169 -33.94 17.49 7.97
CA ALA B 169 -33.45 17.93 9.26
C ALA B 169 -31.93 17.83 9.24
N HIS B 170 -31.26 18.86 9.72
CA HIS B 170 -29.80 18.88 9.77
C HIS B 170 -29.30 19.10 11.19
N TYR B 171 -28.48 18.15 11.66
CA TYR B 171 -27.93 18.20 13.00
C TYR B 171 -26.46 18.57 13.03
N ARG B 172 -26.07 19.31 14.07
CA ARG B 172 -24.71 19.78 14.23
C ARG B 172 -24.29 19.71 15.69
N HIS B 173 -23.23 18.97 15.99
CA HIS B 173 -22.73 18.85 17.35
C HIS B 173 -21.21 19.00 17.32
N HIS B 174 -20.65 19.49 18.40
CA HIS B 174 -19.20 19.61 18.51
C HIS B 174 -18.78 19.15 19.90
N LEU B 175 -17.87 18.18 19.96
CA LEU B 175 -17.38 17.65 21.23
C LEU B 175 -15.92 18.01 21.42
N ASP B 176 -15.60 18.46 22.62
CA ASP B 176 -14.25 18.84 22.94
C ASP B 176 -13.76 18.05 24.16
N LEU B 177 -12.76 17.22 23.94
CA LEU B 177 -12.18 16.43 25.02
C LEU B 177 -10.89 17.12 25.42
N ALA B 178 -10.90 17.73 26.60
CA ALA B 178 -9.73 18.43 27.09
C ALA B 178 -8.62 17.44 27.40
N GLU B 179 -7.43 17.97 27.66
CA GLU B 179 -6.28 17.13 27.97
C GLU B 179 -6.58 16.10 29.05
N GLY B 180 -6.20 14.85 28.78
CA GLY B 180 -6.43 13.78 29.73
C GLY B 180 -7.85 13.29 29.88
N ALA B 181 -8.80 13.88 29.15
CA ALA B 181 -10.19 13.45 29.25
C ALA B 181 -10.42 12.13 28.52
N GLU B 182 -11.38 11.34 28.99
CA GLU B 182 -11.71 10.06 28.37
C GLU B 182 -13.22 9.92 28.29
N ALA B 183 -13.75 9.75 27.08
CA ALA B 183 -15.18 9.64 26.91
C ALA B 183 -15.61 8.86 25.68
N THR B 184 -16.78 8.24 25.81
CA THR B 184 -17.38 7.48 24.73
C THR B 184 -18.65 8.24 24.34
N VAL B 185 -18.84 8.44 23.04
CA VAL B 185 -20.03 9.11 22.56
C VAL B 185 -20.68 8.26 21.47
N ILE B 186 -22.00 8.12 21.54
CA ILE B 186 -22.76 7.34 20.58
C ILE B 186 -23.75 8.21 19.81
N GLU B 187 -23.77 8.06 18.49
CA GLU B 187 -24.69 8.78 17.63
C GLU B 187 -25.69 7.72 17.18
N HIS B 188 -26.96 7.96 17.45
CA HIS B 188 -28.00 7.01 17.05
C HIS B 188 -29.02 7.75 16.17
N PHE B 189 -29.27 7.24 14.97
CA PHE B 189 -30.23 7.85 14.07
C PHE B 189 -31.38 6.91 13.73
N VAL B 190 -32.62 7.34 13.99
CA VAL B 190 -33.79 6.53 13.69
C VAL B 190 -34.87 7.39 13.01
N SER B 191 -35.80 6.71 12.33
CA SER B 191 -36.91 7.36 11.66
C SER B 191 -38.15 7.14 12.53
N LEU B 192 -38.98 8.17 12.67
CA LEU B 192 -40.19 8.02 13.48
C LEU B 192 -41.10 6.94 12.87
N ASN B 193 -41.18 6.91 11.55
CA ASN B 193 -42.03 5.93 10.86
C ASN B 193 -41.51 5.63 9.45
N ASP B 194 -42.40 5.17 8.57
CA ASP B 194 -42.01 4.84 7.21
C ASP B 194 -41.87 6.01 6.25
N ALA B 195 -42.40 7.17 6.62
CA ALA B 195 -42.30 8.32 5.74
C ALA B 195 -40.83 8.70 5.52
N ARG B 196 -40.48 9.01 4.27
CA ARG B 196 -39.10 9.35 3.99
C ARG B 196 -38.73 10.77 4.35
N HIS B 197 -37.44 10.95 4.62
CA HIS B 197 -36.93 12.26 4.99
C HIS B 197 -35.48 12.34 4.53
N PHE B 198 -34.93 13.54 4.59
CA PHE B 198 -33.55 13.78 4.22
C PHE B 198 -32.81 14.21 5.48
N THR B 199 -31.96 13.33 6.00
CA THR B 199 -31.21 13.66 7.20
C THR B 199 -29.78 14.10 6.88
N GLY B 200 -29.37 15.19 7.51
CA GLY B 200 -28.02 15.69 7.34
C GLY B 200 -27.42 15.79 8.74
N ALA B 201 -26.17 15.37 8.88
CA ALA B 201 -25.52 15.43 10.18
C ALA B 201 -24.04 15.81 10.06
N ARG B 202 -23.51 16.38 11.13
CA ARG B 202 -22.11 16.79 11.17
C ARG B 202 -21.66 16.88 12.61
N PHE B 203 -20.84 15.92 13.00
CA PHE B 203 -20.32 15.84 14.35
C PHE B 203 -18.81 16.04 14.28
N THR B 204 -18.32 17.15 14.85
CA THR B 204 -16.89 17.44 14.86
C THR B 204 -16.37 17.26 16.28
N ILE B 205 -15.23 16.59 16.40
CA ILE B 205 -14.63 16.29 17.70
C ILE B 205 -13.17 16.72 17.79
N ASN B 206 -12.83 17.42 18.86
CA ASN B 206 -11.46 17.86 19.07
C ASN B 206 -10.89 17.05 20.23
N VAL B 207 -9.87 16.23 19.94
CA VAL B 207 -9.24 15.41 20.96
C VAL B 207 -7.91 16.02 21.34
N ALA B 208 -7.81 16.48 22.59
CA ALA B 208 -6.60 17.13 23.10
C ALA B 208 -5.53 16.12 23.53
N ALA B 209 -4.35 16.65 23.87
CA ALA B 209 -3.23 15.83 24.29
C ALA B 209 -3.62 14.85 25.39
N ASN B 210 -3.22 13.60 25.21
CA ASN B 210 -3.51 12.54 26.18
C ASN B 210 -4.98 12.15 26.32
N ALA B 211 -5.84 12.77 25.51
CA ALA B 211 -7.26 12.47 25.57
C ALA B 211 -7.57 11.15 24.86
N HIS B 212 -8.62 10.47 25.29
CA HIS B 212 -9.01 9.19 24.69
C HIS B 212 -10.48 9.23 24.29
N LEU B 213 -10.72 9.10 22.99
CA LEU B 213 -12.07 9.12 22.46
C LEU B 213 -12.54 7.82 21.85
N GLN B 214 -13.79 7.46 22.16
CA GLN B 214 -14.41 6.31 21.54
C GLN B 214 -15.69 6.87 20.91
N HIS B 215 -15.82 6.72 19.61
CA HIS B 215 -16.98 7.20 18.87
C HIS B 215 -17.70 6.06 18.17
N ILE B 216 -19.01 6.00 18.36
CA ILE B 216 -19.83 4.96 17.73
C ILE B 216 -20.99 5.65 17.02
N LYS B 217 -21.27 5.22 15.79
CA LYS B 217 -22.37 5.81 15.05
C LYS B 217 -23.30 4.70 14.56
N LEU B 218 -24.58 4.84 14.86
CA LEU B 218 -25.58 3.85 14.45
C LEU B 218 -26.63 4.54 13.58
N ALA B 219 -26.46 4.41 12.26
CA ALA B 219 -27.38 5.00 11.30
C ALA B 219 -28.44 3.95 11.01
N PHE B 220 -29.53 3.98 11.79
CA PHE B 220 -30.59 3.00 11.65
C PHE B 220 -31.92 3.60 11.17
N GLU B 221 -31.86 4.48 10.17
CA GLU B 221 -33.07 5.11 9.66
C GLU B 221 -33.85 4.20 8.69
N ASN B 222 -35.06 4.59 8.31
CA ASN B 222 -35.87 3.75 7.44
C ASN B 222 -35.32 3.51 6.02
N PRO B 223 -35.90 2.53 5.30
CA PRO B 223 -35.50 2.14 3.95
C PRO B 223 -35.63 3.18 2.83
N LEU B 224 -36.36 4.26 3.06
CA LEU B 224 -36.55 5.25 1.99
C LEU B 224 -35.82 6.58 2.13
N SER B 225 -35.31 6.87 3.31
CA SER B 225 -34.66 8.15 3.53
C SER B 225 -33.25 8.32 2.98
N HIS B 226 -32.79 9.57 2.99
CA HIS B 226 -31.45 9.92 2.54
C HIS B 226 -30.70 10.39 3.79
N HIS B 227 -29.46 9.91 3.96
CA HIS B 227 -28.63 10.28 5.09
C HIS B 227 -27.28 10.74 4.58
N PHE B 228 -26.99 12.04 4.69
CA PHE B 228 -25.71 12.56 4.23
C PHE B 228 -25.04 13.27 5.41
N ALA B 229 -23.94 12.67 5.87
CA ALA B 229 -23.21 13.19 7.02
C ALA B 229 -21.72 13.35 6.79
N HIS B 230 -21.11 14.20 7.61
CA HIS B 230 -19.68 14.43 7.52
C HIS B 230 -19.15 14.80 8.90
N ASN B 231 -18.37 13.89 9.48
CA ASN B 231 -17.79 14.12 10.80
C ASN B 231 -16.30 14.46 10.67
N ASP B 232 -15.78 15.20 11.64
CA ASP B 232 -14.36 15.58 11.67
C ASP B 232 -13.73 15.15 12.98
N LEU B 233 -12.52 14.62 12.89
CA LEU B 233 -11.78 14.21 14.08
C LEU B 233 -10.44 14.94 14.03
N LEU B 234 -10.13 15.64 15.12
CA LEU B 234 -8.87 16.38 15.23
C LEU B 234 -8.14 15.87 16.47
N LEU B 235 -6.97 15.27 16.25
CA LEU B 235 -6.17 14.74 17.35
C LEU B 235 -4.89 15.50 17.59
N ALA B 236 -4.62 15.79 18.86
CA ALA B 236 -3.39 16.47 19.26
C ALA B 236 -2.37 15.36 19.50
N GLU B 237 -1.35 15.61 20.32
CA GLU B 237 -0.34 14.60 20.57
C GLU B 237 -0.70 13.63 21.70
N ASP B 238 -0.16 12.42 21.62
CA ASP B 238 -0.42 11.40 22.64
C ASP B 238 -1.91 11.15 22.84
N ALA B 239 -2.70 11.36 21.79
CA ALA B 239 -4.14 11.15 21.86
C ALA B 239 -4.55 9.84 21.19
N THR B 240 -5.69 9.30 21.62
CA THR B 240 -6.22 8.07 21.05
C THR B 240 -7.66 8.31 20.60
N ALA B 241 -8.04 7.69 19.48
CA ALA B 241 -9.39 7.83 18.95
C ALA B 241 -9.81 6.59 18.19
N PHE B 242 -10.99 6.08 18.52
CA PHE B 242 -11.58 4.92 17.87
C PHE B 242 -12.96 5.31 17.38
N SER B 243 -13.20 5.19 16.09
CA SER B 243 -14.51 5.52 15.52
C SER B 243 -15.10 4.29 14.84
N HIS B 244 -16.29 3.90 15.27
CA HIS B 244 -16.98 2.74 14.73
C HIS B 244 -18.34 3.16 14.18
N SER B 245 -18.56 2.91 12.90
CA SER B 245 -19.83 3.27 12.29
C SER B 245 -20.52 2.07 11.71
N PHE B 246 -21.81 1.95 12.03
CA PHE B 246 -22.63 0.85 11.52
C PHE B 246 -23.73 1.55 10.73
N LEU B 247 -23.54 1.57 9.43
CA LEU B 247 -24.44 2.23 8.47
C LEU B 247 -25.45 1.23 7.98
N LEU B 248 -26.57 1.15 8.68
CA LEU B 248 -27.61 0.18 8.36
C LEU B 248 -28.99 0.80 8.23
N GLY B 249 -29.09 1.88 7.45
CA GLY B 249 -30.38 2.52 7.26
C GLY B 249 -30.36 3.55 6.15
N GLY B 250 -31.52 3.80 5.56
CA GLY B 250 -31.65 4.78 4.48
C GLY B 250 -31.60 4.14 3.10
N ALA B 251 -32.22 4.80 2.12
CA ALA B 251 -32.21 4.30 0.75
C ALA B 251 -30.84 4.64 0.18
N VAL B 252 -30.38 5.85 0.48
CA VAL B 252 -29.06 6.31 0.05
C VAL B 252 -28.37 6.94 1.24
N LEU B 253 -27.21 6.39 1.60
CA LEU B 253 -26.45 6.91 2.72
C LEU B 253 -25.03 7.20 2.30
N ARG B 254 -24.53 8.38 2.64
CA ARG B 254 -23.14 8.74 2.33
C ARG B 254 -22.55 9.36 3.58
N HIS B 255 -21.58 8.66 4.17
CA HIS B 255 -20.94 9.11 5.39
C HIS B 255 -19.45 9.39 5.22
N ASN B 256 -19.02 10.57 5.62
CA ASN B 256 -17.61 10.97 5.54
C ASN B 256 -17.07 11.16 6.95
N THR B 257 -15.84 10.72 7.17
CA THR B 257 -15.17 10.95 8.44
C THR B 257 -13.82 11.51 8.00
N SER B 258 -13.60 12.80 8.24
CA SER B 258 -12.33 13.44 7.89
C SER B 258 -11.53 13.57 9.17
N THR B 259 -10.24 13.26 9.11
CA THR B 259 -9.40 13.31 10.29
C THR B 259 -8.03 13.93 10.05
N GLN B 260 -7.54 14.61 11.08
CA GLN B 260 -6.23 15.22 11.04
C GLN B 260 -5.48 14.79 12.29
N LEU B 261 -4.30 14.21 12.11
CA LEU B 261 -3.47 13.82 13.24
C LEU B 261 -2.43 14.93 13.28
N ASN B 262 -2.66 15.92 14.15
CA ASN B 262 -1.75 17.06 14.27
C ASN B 262 -0.77 16.98 15.43
N GLY B 263 -0.58 15.81 16.00
CA GLY B 263 0.36 15.66 17.10
C GLY B 263 1.02 14.28 17.06
N GLU B 264 2.29 14.21 17.47
CA GLU B 264 3.02 12.96 17.46
C GLU B 264 2.51 11.98 18.50
N ASN B 265 2.85 10.71 18.30
CA ASN B 265 2.47 9.63 19.21
C ASN B 265 0.98 9.38 19.43
N SER B 266 0.17 9.54 18.39
CA SER B 266 -1.26 9.32 18.53
C SER B 266 -1.70 8.02 17.87
N THR B 267 -2.82 7.48 18.34
CA THR B 267 -3.37 6.24 17.81
C THR B 267 -4.79 6.48 17.29
N LEU B 268 -5.04 6.02 16.07
CA LEU B 268 -6.34 6.19 15.44
C LEU B 268 -6.86 4.92 14.78
N ARG B 269 -8.14 4.66 15.02
CA ARG B 269 -8.81 3.52 14.40
C ARG B 269 -10.13 4.04 13.90
N ILE B 270 -10.44 3.74 12.63
CA ILE B 270 -11.71 4.14 12.05
C ILE B 270 -12.26 2.95 11.28
N ASN B 271 -13.43 2.47 11.69
CA ASN B 271 -14.06 1.33 11.04
C ASN B 271 -15.49 1.67 10.63
N SER B 272 -16.01 0.89 9.69
CA SER B 272 -17.38 1.06 9.25
C SER B 272 -17.91 -0.24 8.65
N LEU B 273 -19.20 -0.45 8.83
CA LEU B 273 -19.88 -1.61 8.30
C LEU B 273 -21.03 -1.06 7.46
N ALA B 274 -21.19 -1.61 6.26
CA ALA B 274 -22.27 -1.20 5.37
C ALA B 274 -22.93 -2.48 4.86
N MET B 275 -24.26 -2.50 4.83
CA MET B 275 -24.96 -3.70 4.38
C MET B 275 -26.12 -3.37 3.44
N PRO B 276 -25.81 -2.79 2.29
CA PRO B 276 -26.87 -2.44 1.36
C PRO B 276 -27.60 -3.58 0.66
N VAL B 277 -28.91 -3.57 0.88
CA VAL B 277 -29.83 -4.51 0.28
C VAL B 277 -30.78 -3.67 -0.56
N LYS B 278 -31.73 -4.37 -1.16
CA LYS B 278 -32.79 -3.83 -2.01
C LYS B 278 -32.73 -2.43 -2.60
N ASN B 279 -31.89 -2.28 -3.62
CA ASN B 279 -31.69 -1.02 -4.31
C ASN B 279 -31.25 0.13 -3.40
N GLU B 280 -30.52 -0.21 -2.35
CA GLU B 280 -29.99 0.82 -1.46
C GLU B 280 -28.57 1.07 -1.98
N VAL B 281 -28.05 2.24 -1.64
CA VAL B 281 -26.68 2.58 -2.00
C VAL B 281 -26.04 3.04 -0.67
N CYS B 282 -24.99 2.38 -0.23
CA CYS B 282 -24.35 2.79 1.03
C CYS B 282 -22.92 3.22 0.71
N ASP B 283 -22.65 4.50 0.97
CA ASP B 283 -21.37 5.14 0.66
C ASP B 283 -20.59 5.51 1.92
N THR B 284 -19.49 4.81 2.18
CA THR B 284 -18.66 5.08 3.37
C THR B 284 -17.32 5.64 2.91
N ARG B 285 -17.00 6.83 3.41
CA ARG B 285 -15.78 7.53 3.01
C ARG B 285 -14.94 8.08 4.16
N THR B 286 -13.61 8.07 3.97
CA THR B 286 -12.71 8.61 4.99
C THR B 286 -11.62 9.43 4.33
N TRP B 287 -11.16 10.43 5.07
CA TRP B 287 -10.11 11.33 4.64
C TRP B 287 -9.18 11.47 5.85
N LEU B 288 -7.93 11.07 5.68
CA LEU B 288 -6.97 11.09 6.78
C LEU B 288 -5.65 11.77 6.47
N GLU B 289 -5.25 12.69 7.35
CA GLU B 289 -3.99 13.41 7.19
C GLU B 289 -3.03 13.13 8.33
N HIS B 290 -1.93 12.48 8.04
CA HIS B 290 -0.91 12.24 9.06
C HIS B 290 -0.02 13.48 8.91
N ASN B 291 -0.39 14.56 9.57
CA ASN B 291 0.36 15.81 9.49
C ASN B 291 1.63 15.82 10.35
N LYS B 292 1.65 15.00 11.40
CA LYS B 292 2.83 14.89 12.27
C LYS B 292 3.24 13.42 12.25
N GLY B 293 4.49 13.15 12.60
CA GLY B 293 4.96 11.78 12.60
C GLY B 293 4.67 10.96 13.85
N PHE B 294 5.18 9.74 13.87
CA PHE B 294 5.04 8.82 14.99
C PHE B 294 3.60 8.45 15.37
N CYS B 295 2.68 8.52 14.41
CA CYS B 295 1.29 8.15 14.66
C CYS B 295 0.93 6.83 13.99
N ASN B 296 0.04 6.09 14.63
CA ASN B 296 -0.42 4.81 14.10
C ASN B 296 -1.91 4.91 13.79
N SER B 297 -2.29 4.51 12.58
CA SER B 297 -3.70 4.54 12.16
C SER B 297 -4.07 3.23 11.48
N ARG B 298 -5.27 2.76 11.75
CA ARG B 298 -5.79 1.53 11.18
C ARG B 298 -7.25 1.74 10.80
N GLN B 299 -7.62 1.26 9.62
CA GLN B 299 -8.98 1.37 9.15
C GLN B 299 -9.47 0.03 8.61
N LEU B 300 -10.65 -0.39 9.05
CA LEU B 300 -11.25 -1.62 8.57
C LEU B 300 -12.69 -1.31 8.18
N HIS B 301 -12.96 -1.40 6.89
CA HIS B 301 -14.27 -1.11 6.34
C HIS B 301 -14.77 -2.34 5.61
N LYS B 302 -15.85 -2.92 6.12
CA LYS B 302 -16.40 -4.12 5.52
C LYS B 302 -17.83 -3.91 5.06
N THR B 303 -18.16 -4.50 3.92
CA THR B 303 -19.49 -4.38 3.37
C THR B 303 -20.01 -5.73 2.93
N ILE B 304 -21.32 -5.89 3.00
CA ILE B 304 -22.00 -7.10 2.57
C ILE B 304 -23.13 -6.54 1.69
N VAL B 305 -23.02 -6.77 0.39
CA VAL B 305 -23.99 -6.24 -0.57
C VAL B 305 -24.89 -7.40 -1.00
N SER B 306 -26.20 -7.25 -0.92
CA SER B 306 -27.00 -8.40 -1.27
C SER B 306 -27.78 -8.51 -2.55
N ASP B 307 -28.75 -7.64 -2.75
CA ASP B 307 -29.57 -7.79 -3.93
C ASP B 307 -29.10 -6.93 -5.10
N LYS B 308 -29.76 -5.82 -5.34
CA LYS B 308 -29.36 -4.89 -6.41
C LYS B 308 -28.64 -3.76 -5.68
N GLY B 309 -28.21 -4.05 -4.45
CA GLY B 309 -27.52 -3.06 -3.63
C GLY B 309 -26.15 -2.66 -4.14
N ARG B 310 -25.67 -1.51 -3.64
CA ARG B 310 -24.36 -1.01 -4.05
C ARG B 310 -23.62 -0.41 -2.87
N ALA B 311 -22.41 -0.89 -2.66
CA ALA B 311 -21.57 -0.37 -1.59
C ALA B 311 -20.51 0.45 -2.27
N VAL B 312 -20.19 1.61 -1.69
CA VAL B 312 -19.17 2.47 -2.24
C VAL B 312 -18.16 2.80 -1.16
N PHE B 313 -16.89 2.61 -1.44
CA PHE B 313 -15.85 2.94 -0.47
C PHE B 313 -14.83 3.88 -1.08
N ASN B 314 -14.44 4.87 -0.31
CA ASN B 314 -13.45 5.86 -0.74
C ASN B 314 -12.60 6.19 0.48
N GLY B 315 -11.31 5.95 0.40
CA GLY B 315 -10.45 6.23 1.54
C GLY B 315 -9.13 6.83 1.10
N LEU B 316 -8.90 8.07 1.52
CA LEU B 316 -7.67 8.77 1.18
C LEU B 316 -6.81 9.00 2.41
N ILE B 317 -5.53 8.67 2.28
CA ILE B 317 -4.57 8.86 3.36
C ILE B 317 -3.45 9.73 2.80
N ASN B 318 -3.25 10.88 3.42
CA ASN B 318 -2.20 11.80 3.02
C ASN B 318 -1.19 11.85 4.16
N VAL B 319 0.09 11.65 3.83
CA VAL B 319 1.16 11.66 4.81
C VAL B 319 2.07 12.83 4.46
N ALA B 320 2.04 13.86 5.30
CA ALA B 320 2.83 15.07 5.08
C ALA B 320 4.33 14.82 5.12
N GLN B 321 5.08 15.74 4.52
CA GLN B 321 6.53 15.65 4.49
C GLN B 321 7.07 15.61 5.91
N HIS B 322 8.11 14.81 6.12
CA HIS B 322 8.75 14.67 7.44
C HIS B 322 7.90 13.95 8.49
N ALA B 323 6.76 13.41 8.09
CA ALA B 323 5.90 12.71 9.03
C ALA B 323 6.47 11.30 9.20
N ILE B 324 7.73 11.24 9.59
CA ILE B 324 8.42 9.96 9.78
C ILE B 324 7.76 9.11 10.85
N LYS B 325 7.99 7.80 10.77
CA LYS B 325 7.42 6.86 11.72
C LYS B 325 5.91 6.74 11.63
N THR B 326 5.35 7.16 10.50
CA THR B 326 3.92 7.02 10.30
C THR B 326 3.70 5.53 10.06
N ASP B 327 2.63 5.00 10.61
CA ASP B 327 2.29 3.60 10.43
C ASP B 327 0.78 3.59 10.19
N GLY B 328 0.40 3.53 8.92
CA GLY B 328 -1.02 3.56 8.59
C GLY B 328 -1.42 2.43 7.67
N GLN B 329 -2.56 1.82 8.00
CA GLN B 329 -3.10 0.72 7.22
C GLN B 329 -4.58 0.97 6.99
N MET B 330 -5.06 0.50 5.85
CA MET B 330 -6.46 0.64 5.47
C MET B 330 -6.90 -0.63 4.74
N THR B 331 -7.99 -1.22 5.20
CA THR B 331 -8.50 -2.46 4.62
C THR B 331 -9.99 -2.38 4.33
N ASN B 332 -10.36 -2.72 3.10
CA ASN B 332 -11.75 -2.71 2.67
C ASN B 332 -12.09 -4.08 2.12
N ASN B 333 -12.84 -4.87 2.87
CA ASN B 333 -13.26 -6.21 2.46
C ASN B 333 -14.72 -6.15 2.05
N ASN B 334 -15.01 -6.62 0.84
CA ASN B 334 -16.37 -6.58 0.33
C ASN B 334 -16.92 -7.93 -0.02
N LEU B 335 -18.10 -8.23 0.51
CA LEU B 335 -18.76 -9.49 0.27
C LEU B 335 -20.01 -9.24 -0.58
N LEU B 336 -20.04 -9.84 -1.77
CA LEU B 336 -21.18 -9.71 -2.68
C LEU B 336 -22.02 -10.97 -2.57
N MET B 337 -23.33 -10.81 -2.35
CA MET B 337 -24.22 -11.96 -2.17
C MET B 337 -24.97 -12.41 -3.42
N GLY B 338 -25.43 -11.48 -4.24
CA GLY B 338 -26.16 -11.86 -5.44
C GLY B 338 -25.53 -11.42 -6.75
N LYS B 339 -26.07 -11.97 -7.85
CA LYS B 339 -25.60 -11.66 -9.20
C LYS B 339 -25.79 -10.20 -9.59
N LEU B 340 -26.68 -9.50 -8.90
CA LEU B 340 -26.92 -8.10 -9.22
C LEU B 340 -26.26 -7.13 -8.25
N ALA B 341 -25.50 -7.66 -7.30
CA ALA B 341 -24.81 -6.82 -6.31
C ALA B 341 -23.66 -6.05 -6.95
N GLU B 342 -23.34 -4.89 -6.39
CA GLU B 342 -22.25 -4.06 -6.91
C GLU B 342 -21.41 -3.44 -5.82
N VAL B 343 -20.14 -3.19 -6.15
CA VAL B 343 -19.24 -2.54 -5.20
C VAL B 343 -18.18 -1.76 -5.96
N ASP B 344 -17.96 -0.53 -5.52
CA ASP B 344 -16.97 0.37 -6.11
C ASP B 344 -16.09 0.82 -4.95
N THR B 345 -14.79 0.57 -5.05
CA THR B 345 -13.89 0.95 -3.98
C THR B 345 -12.63 1.62 -4.48
N LYS B 346 -12.32 2.76 -3.87
CA LYS B 346 -11.16 3.56 -4.24
C LYS B 346 -10.25 3.94 -3.06
N PRO B 347 -9.40 3.00 -2.61
CA PRO B 347 -8.50 3.34 -1.50
C PRO B 347 -7.35 4.10 -2.15
N GLN B 348 -7.03 5.28 -1.63
CA GLN B 348 -5.98 6.12 -2.19
C GLN B 348 -4.85 6.47 -1.23
N LEU B 349 -3.68 6.80 -1.78
CA LEU B 349 -2.52 7.16 -0.97
C LEU B 349 -1.67 8.28 -1.59
N GLU B 350 -1.33 9.26 -0.75
CA GLU B 350 -0.49 10.39 -1.13
C GLU B 350 0.56 10.44 -0.01
N ILE B 351 1.70 9.80 -0.26
CA ILE B 351 2.76 9.70 0.74
C ILE B 351 3.97 10.58 0.41
N TYR B 352 4.27 11.51 1.31
CA TYR B 352 5.37 12.44 1.11
C TYR B 352 6.53 12.33 2.11
N ALA B 353 6.59 11.19 2.81
CA ALA B 353 7.66 10.92 3.78
C ALA B 353 8.13 9.50 3.50
N ASP B 354 9.44 9.26 3.56
CA ASP B 354 9.98 7.95 3.25
C ASP B 354 10.06 6.93 4.38
N ASP B 355 10.41 7.40 5.57
CA ASP B 355 10.55 6.53 6.72
C ASP B 355 9.19 6.21 7.33
N VAL B 356 8.36 5.50 6.56
CA VAL B 356 7.02 5.16 7.02
C VAL B 356 6.63 3.75 6.61
N LYS B 357 5.50 3.29 7.13
CA LYS B 357 4.97 1.97 6.81
C LYS B 357 3.49 2.15 6.48
N CYS B 358 3.21 2.40 5.20
CA CYS B 358 1.84 2.59 4.77
C CYS B 358 1.41 1.53 3.79
N SER B 359 0.18 1.07 3.96
CA SER B 359 -0.36 0.06 3.08
C SER B 359 -1.87 0.10 3.11
N HIS B 360 -2.48 -0.41 2.05
CA HIS B 360 -3.91 -0.48 1.99
C HIS B 360 -4.26 -1.67 1.14
N GLY B 361 -5.46 -2.20 1.33
CA GLY B 361 -5.88 -3.34 0.56
C GLY B 361 -7.38 -3.35 0.43
N ALA B 362 -7.86 -3.98 -0.63
CA ALA B 362 -9.29 -4.09 -0.87
C ALA B 362 -9.55 -5.44 -1.53
N THR B 363 -10.56 -6.14 -1.04
CA THR B 363 -10.92 -7.45 -1.56
C THR B 363 -12.42 -7.47 -1.90
N VAL B 364 -12.76 -8.23 -2.94
CA VAL B 364 -14.15 -8.35 -3.37
C VAL B 364 -14.39 -9.79 -3.79
N GLY B 365 -15.46 -10.38 -3.27
CA GLY B 365 -15.77 -11.75 -3.61
C GLY B 365 -17.06 -12.21 -2.95
N ARG B 366 -17.43 -13.46 -3.19
CA ARG B 366 -18.64 -14.01 -2.60
C ARG B 366 -18.27 -14.87 -1.41
N ILE B 367 -19.29 -15.38 -0.73
CA ILE B 367 -19.10 -16.25 0.42
C ILE B 367 -18.25 -17.45 0.03
N ASP B 368 -17.32 -17.80 0.92
CA ASP B 368 -16.43 -18.93 0.71
C ASP B 368 -17.26 -20.16 0.36
N ASP B 369 -17.21 -20.57 -0.90
CA ASP B 369 -17.96 -21.73 -1.39
C ASP B 369 -17.56 -23.02 -0.67
N GLU B 370 -16.34 -23.08 -0.16
CA GLU B 370 -15.86 -24.28 0.52
C GLU B 370 -16.32 -24.37 1.97
N GLN B 371 -16.39 -23.23 2.65
CA GLN B 371 -16.83 -23.21 4.04
C GLN B 371 -18.32 -23.56 4.15
N ILE B 372 -19.10 -23.15 3.15
CA ILE B 372 -20.54 -23.42 3.14
C ILE B 372 -20.83 -24.92 3.01
N PHE B 373 -20.21 -25.57 2.03
CA PHE B 373 -20.44 -26.99 1.82
C PHE B 373 -20.01 -27.80 3.04
N TYR B 374 -18.83 -27.49 3.56
CA TYR B 374 -18.30 -28.17 4.73
C TYR B 374 -19.35 -28.14 5.84
N LEU B 375 -19.97 -26.98 6.03
CA LEU B 375 -20.99 -26.78 7.05
C LEU B 375 -22.26 -27.55 6.72
N ARG B 376 -22.67 -27.51 5.46
CA ARG B 376 -23.88 -28.21 5.01
C ARG B 376 -23.74 -29.73 5.09
N SER B 377 -22.55 -30.23 4.81
CA SER B 377 -22.32 -31.68 4.84
C SER B 377 -22.38 -32.22 6.26
N ARG B 378 -22.54 -31.31 7.23
CA ARG B 378 -22.62 -31.70 8.63
C ARG B 378 -24.03 -31.59 9.18
N GLY B 379 -24.98 -31.26 8.31
CA GLY B 379 -26.35 -31.13 8.75
C GLY B 379 -26.93 -29.72 8.70
N ILE B 380 -26.08 -28.70 8.81
CA ILE B 380 -26.55 -27.32 8.76
C ILE B 380 -27.08 -26.98 7.38
N ASN B 381 -28.29 -26.43 7.31
CA ASN B 381 -28.86 -26.05 6.03
C ASN B 381 -28.04 -24.90 5.45
N GLN B 382 -28.27 -24.58 4.18
CA GLN B 382 -27.51 -23.52 3.53
C GLN B 382 -27.64 -22.14 4.17
N GLN B 383 -28.87 -21.68 4.38
CA GLN B 383 -29.10 -20.36 4.97
C GLN B 383 -28.36 -20.19 6.29
N ASP B 384 -28.60 -21.08 7.25
CA ASP B 384 -27.95 -21.03 8.55
C ASP B 384 -26.44 -20.97 8.37
N ALA B 385 -25.93 -21.77 7.44
CA ALA B 385 -24.50 -21.81 7.17
C ALA B 385 -24.02 -20.43 6.72
N GLN B 386 -24.74 -19.84 5.77
CA GLN B 386 -24.38 -18.52 5.27
C GLN B 386 -24.48 -17.44 6.34
N GLN B 387 -25.50 -17.53 7.20
CA GLN B 387 -25.65 -16.53 8.25
C GLN B 387 -24.46 -16.56 9.19
N MET B 388 -24.04 -17.78 9.55
CA MET B 388 -22.89 -17.96 10.44
C MET B 388 -21.67 -17.27 9.84
N ILE B 389 -21.44 -17.50 8.55
CA ILE B 389 -20.30 -16.91 7.86
C ILE B 389 -20.45 -15.38 7.76
N ILE B 390 -21.64 -14.90 7.46
CA ILE B 390 -21.86 -13.46 7.35
C ILE B 390 -21.54 -12.81 8.70
N TYR B 391 -22.06 -13.38 9.78
CA TYR B 391 -21.82 -12.85 11.12
C TYR B 391 -20.34 -12.89 11.47
N ALA B 392 -19.65 -13.95 11.05
CA ALA B 392 -18.23 -14.06 11.32
C ALA B 392 -17.49 -12.98 10.52
N PHE B 393 -18.03 -12.64 9.35
CA PHE B 393 -17.42 -11.61 8.50
C PHE B 393 -17.56 -10.24 9.18
N ALA B 394 -18.72 -9.98 9.76
CA ALA B 394 -19.00 -8.72 10.43
C ALA B 394 -18.50 -8.67 11.89
N ALA B 395 -18.17 -9.83 12.44
CA ALA B 395 -17.71 -9.93 13.84
C ALA B 395 -16.44 -9.14 14.16
N GLU B 396 -15.54 -9.05 13.19
CA GLU B 396 -14.31 -8.30 13.41
C GLU B 396 -14.68 -6.86 13.78
N LEU B 397 -15.80 -6.38 13.27
CA LEU B 397 -16.24 -5.01 13.57
C LEU B 397 -17.17 -4.94 14.79
N THR B 398 -18.15 -5.84 14.86
CA THR B 398 -19.08 -5.84 15.98
C THR B 398 -18.40 -6.11 17.32
N GLU B 399 -17.40 -6.99 17.32
CA GLU B 399 -16.66 -7.31 18.55
C GLU B 399 -15.97 -6.09 19.16
N ALA B 400 -15.94 -4.96 18.44
CA ALA B 400 -15.30 -3.77 18.97
C ALA B 400 -16.23 -3.10 20.00
N LEU B 401 -17.47 -3.57 20.04
CA LEU B 401 -18.45 -3.04 20.97
C LEU B 401 -18.38 -3.88 22.26
N ARG B 402 -17.66 -3.38 23.25
CA ARG B 402 -17.49 -4.09 24.51
C ARG B 402 -18.78 -4.25 25.31
N ASP B 403 -19.67 -3.27 25.21
CA ASP B 403 -20.93 -3.36 25.94
C ASP B 403 -21.80 -4.41 25.25
N GLU B 404 -21.85 -5.60 25.85
CA GLU B 404 -22.61 -6.72 25.31
C GLU B 404 -24.05 -6.36 24.93
N GLY B 405 -24.72 -5.61 25.80
CA GLY B 405 -26.09 -5.22 25.52
C GLY B 405 -26.16 -4.39 24.25
N LEU B 406 -25.19 -3.49 24.07
CA LEU B 406 -25.17 -2.64 22.89
C LEU B 406 -24.87 -3.49 21.66
N LYS B 407 -23.88 -4.38 21.78
CA LYS B 407 -23.50 -5.24 20.67
C LYS B 407 -24.68 -6.07 20.17
N GLN B 408 -25.45 -6.64 21.08
CA GLN B 408 -26.59 -7.47 20.69
C GLN B 408 -27.63 -6.69 19.89
N GLN B 409 -27.86 -5.44 20.26
CA GLN B 409 -28.84 -4.63 19.54
C GLN B 409 -28.31 -4.33 18.13
N VAL B 410 -27.00 -4.18 17.99
CA VAL B 410 -26.41 -3.92 16.69
C VAL B 410 -26.51 -5.19 15.85
N LEU B 411 -26.27 -6.34 16.48
CA LEU B 411 -26.34 -7.62 15.78
C LEU B 411 -27.77 -7.86 15.30
N ALA B 412 -28.75 -7.48 16.11
CA ALA B 412 -30.15 -7.65 15.73
C ALA B 412 -30.48 -6.77 14.51
N ARG B 413 -29.92 -5.57 14.46
CA ARG B 413 -30.16 -4.67 13.33
C ARG B 413 -29.55 -5.31 12.08
N ILE B 414 -28.37 -5.91 12.25
CA ILE B 414 -27.68 -6.60 11.18
C ILE B 414 -28.55 -7.76 10.69
N GLY B 415 -29.14 -8.48 11.64
CA GLY B 415 -29.98 -9.62 11.31
C GLY B 415 -31.18 -9.29 10.43
N GLN B 416 -31.69 -8.07 10.51
CA GLN B 416 -32.82 -7.66 9.69
C GLN B 416 -32.49 -7.67 8.21
N ARG B 417 -31.19 -7.65 7.90
CA ARG B 417 -30.74 -7.64 6.51
C ARG B 417 -30.26 -8.98 5.99
N LEU B 418 -30.37 -10.02 6.82
CA LEU B 418 -29.93 -11.35 6.41
C LEU B 418 -31.07 -12.15 5.77
N PRO B 419 -30.72 -13.11 4.91
CA PRO B 419 -31.70 -13.96 4.21
C PRO B 419 -32.85 -14.38 5.11
N GLY B 420 -32.52 -15.06 6.20
CA GLY B 420 -33.55 -15.51 7.13
C GLY B 420 -34.31 -14.36 7.74
N GLY B 421 -33.59 -13.26 7.99
CA GLY B 421 -34.23 -12.09 8.58
C GLY B 421 -33.83 -11.92 10.04
N ALA B 422 -32.95 -12.79 10.53
CA ALA B 422 -32.48 -12.74 11.90
C ALA B 422 -30.99 -13.06 11.99
N MET C 20 45.57 -6.35 19.65
CA MET C 20 44.94 -5.99 18.34
C MET C 20 43.77 -5.02 18.49
N LEU C 21 43.03 -5.13 19.59
CA LEU C 21 41.90 -4.24 19.85
C LEU C 21 42.11 -3.49 21.15
N SER C 22 42.02 -2.18 21.10
CA SER C 22 42.20 -1.37 22.29
C SER C 22 41.09 -0.33 22.42
N ILE C 23 40.26 -0.50 23.44
CA ILE C 23 39.17 0.43 23.71
C ILE C 23 39.57 1.21 24.95
N LYS C 24 39.62 2.53 24.84
CA LYS C 24 40.02 3.35 25.98
C LYS C 24 39.05 4.49 26.31
N ASP C 25 38.60 4.52 27.56
CA ASP C 25 37.71 5.56 28.07
C ASP C 25 36.56 5.90 27.11
N LEU C 26 35.98 4.85 26.54
CA LEU C 26 34.88 4.99 25.58
C LEU C 26 33.57 5.48 26.19
N HIS C 27 33.05 6.57 25.64
CA HIS C 27 31.78 7.13 26.10
C HIS C 27 30.84 7.12 24.89
N VAL C 28 29.66 6.52 25.05
CA VAL C 28 28.70 6.45 23.95
C VAL C 28 27.28 6.74 24.43
N SER C 29 26.56 7.58 23.70
CA SER C 29 25.19 7.87 24.07
C SER C 29 24.26 7.54 22.91
N VAL C 30 23.02 7.21 23.23
CA VAL C 30 22.01 6.85 22.23
C VAL C 30 20.83 7.78 22.45
N GLU C 31 20.43 8.51 21.41
CA GLU C 31 19.33 9.45 21.53
C GLU C 31 19.57 10.37 22.72
N ASP C 32 20.81 10.83 22.84
CA ASP C 32 21.24 11.74 23.91
C ASP C 32 21.34 11.15 25.32
N LYS C 33 21.18 9.84 25.45
CA LYS C 33 21.30 9.20 26.74
C LYS C 33 22.67 8.53 26.84
N ALA C 34 23.42 8.86 27.88
CA ALA C 34 24.74 8.27 28.07
C ALA C 34 24.63 6.81 28.47
N ILE C 35 25.11 5.91 27.60
CA ILE C 35 25.07 4.47 27.85
C ILE C 35 26.43 3.96 28.32
N LEU C 36 27.45 4.11 27.46
CA LEU C 36 28.80 3.70 27.84
C LEU C 36 29.45 4.93 28.46
N ARG C 37 29.98 4.77 29.67
CA ARG C 37 30.58 5.89 30.38
C ARG C 37 32.05 5.69 30.75
N GLY C 38 32.89 5.43 29.76
CA GLY C 38 34.31 5.24 30.03
C GLY C 38 34.73 3.79 30.01
N LEU C 39 34.19 3.03 29.06
CA LEU C 39 34.54 1.62 28.93
C LEU C 39 35.95 1.47 28.36
N SER C 40 36.75 0.60 28.98
CA SER C 40 38.11 0.33 28.53
C SER C 40 38.26 -1.17 28.45
N LEU C 41 38.86 -1.64 27.36
CA LEU C 41 39.07 -3.07 27.17
C LEU C 41 40.29 -3.29 26.26
N ASP C 42 41.06 -4.33 26.57
CA ASP C 42 42.25 -4.66 25.79
C ASP C 42 42.19 -6.12 25.36
N VAL C 43 42.25 -6.37 24.06
CA VAL C 43 42.19 -7.73 23.54
C VAL C 43 43.39 -8.01 22.65
N HIS C 44 44.16 -9.03 23.00
CA HIS C 44 45.32 -9.43 22.23
C HIS C 44 45.01 -10.67 21.42
N PRO C 45 45.80 -10.95 20.37
CA PRO C 45 45.60 -12.11 19.51
C PRO C 45 45.51 -13.41 20.31
N GLY C 46 44.64 -14.32 19.89
CA GLY C 46 44.50 -15.60 20.56
C GLY C 46 43.69 -15.62 21.86
N GLU C 47 43.05 -14.51 22.22
CA GLU C 47 42.29 -14.47 23.47
C GLU C 47 40.77 -14.52 23.30
N VAL C 48 40.10 -15.15 24.27
CA VAL C 48 38.65 -15.23 24.27
C VAL C 48 38.22 -14.43 25.48
N HIS C 49 37.42 -13.39 25.24
CA HIS C 49 36.93 -12.51 26.30
C HIS C 49 35.43 -12.60 26.44
N ALA C 50 34.94 -12.67 27.68
CA ALA C 50 33.51 -12.71 27.92
C ALA C 50 33.12 -11.41 28.63
N ILE C 51 32.09 -10.74 28.11
CA ILE C 51 31.57 -9.51 28.70
C ILE C 51 30.16 -9.86 29.18
N MET C 52 29.90 -9.54 30.45
CA MET C 52 28.65 -9.86 31.10
C MET C 52 28.07 -8.67 31.84
N GLY C 53 26.97 -8.93 32.55
CA GLY C 53 26.33 -7.87 33.31
C GLY C 53 24.82 -7.78 33.08
N PRO C 54 24.17 -6.85 33.80
CA PRO C 54 22.71 -6.66 33.67
C PRO C 54 22.32 -5.90 32.40
N ASN C 55 21.05 -6.00 32.04
CA ASN C 55 20.52 -5.30 30.88
C ASN C 55 20.59 -3.82 31.20
N GLY C 56 20.88 -3.00 30.19
CA GLY C 56 20.95 -1.56 30.41
C GLY C 56 22.33 -1.06 30.79
N SER C 57 23.29 -1.97 30.95
CA SER C 57 24.64 -1.55 31.32
C SER C 57 25.65 -1.43 30.19
N GLY C 58 25.21 -1.55 28.95
CA GLY C 58 26.12 -1.37 27.84
C GLY C 58 26.38 -2.47 26.82
N LYS C 59 25.93 -3.70 27.10
CA LYS C 59 26.17 -4.80 26.17
C LYS C 59 25.89 -4.48 24.70
N SER C 60 24.66 -4.07 24.38
CA SER C 60 24.28 -3.78 22.99
C SER C 60 24.94 -2.54 22.40
N THR C 61 25.17 -1.53 23.23
CA THR C 61 25.80 -0.32 22.74
C THR C 61 27.26 -0.62 22.38
N LEU C 62 27.90 -1.48 23.17
CA LEU C 62 29.28 -1.85 22.91
C LEU C 62 29.37 -2.53 21.54
N SER C 63 28.52 -3.53 21.33
CA SER C 63 28.50 -4.28 20.08
C SER C 63 28.16 -3.38 18.91
N ALA C 64 27.13 -2.54 19.07
CA ALA C 64 26.70 -1.62 18.02
C ALA C 64 27.80 -0.64 17.63
N THR C 65 28.54 -0.16 18.63
CA THR C 65 29.62 0.79 18.42
C THR C 65 30.79 0.19 17.65
N LEU C 66 31.12 -1.06 17.97
CA LEU C 66 32.21 -1.75 17.31
C LEU C 66 31.86 -2.10 15.86
N ALA C 67 30.63 -2.56 15.65
CA ALA C 67 30.16 -2.95 14.33
C ALA C 67 30.01 -1.75 13.40
N GLY C 68 29.61 -0.61 13.96
CA GLY C 68 29.45 0.57 13.16
C GLY C 68 28.04 1.11 12.98
N ARG C 69 27.11 0.76 13.87
CA ARG C 69 25.74 1.28 13.76
C ARG C 69 25.84 2.80 13.77
N GLU C 70 25.15 3.46 12.85
CA GLU C 70 25.21 4.92 12.73
C GLU C 70 24.45 5.76 13.75
N ASP C 71 23.59 5.17 14.56
CA ASP C 71 22.85 5.95 15.54
C ASP C 71 23.48 5.95 16.94
N TYR C 72 24.78 5.63 17.01
CA TYR C 72 25.48 5.60 18.28
C TYR C 72 26.57 6.67 18.34
N GLU C 73 26.28 7.74 19.06
CA GLU C 73 27.20 8.88 19.20
C GLU C 73 28.34 8.66 20.19
N VAL C 74 29.56 8.58 19.67
CA VAL C 74 30.75 8.43 20.51
C VAL C 74 31.10 9.84 20.95
N THR C 75 30.96 10.12 22.24
CA THR C 75 31.26 11.46 22.76
C THR C 75 32.64 11.56 23.40
N GLY C 76 33.37 10.46 23.45
CA GLY C 76 34.70 10.48 24.05
C GLY C 76 35.34 9.10 24.04
N GLY C 77 36.67 9.07 24.15
CA GLY C 77 37.36 7.80 24.16
C GLY C 77 37.86 7.38 22.79
N THR C 78 38.50 6.21 22.74
CA THR C 78 39.04 5.71 21.48
C THR C 78 38.86 4.22 21.32
N VAL C 79 38.88 3.79 20.06
CA VAL C 79 38.78 2.38 19.73
C VAL C 79 39.74 2.16 18.59
N GLU C 80 40.83 1.46 18.87
CA GLU C 80 41.85 1.18 17.88
C GLU C 80 41.91 -0.32 17.59
N PHE C 81 42.06 -0.64 16.32
CA PHE C 81 42.14 -2.01 15.87
C PHE C 81 43.31 -2.13 14.91
N LYS C 82 44.19 -3.10 15.16
CA LYS C 82 45.36 -3.31 14.31
C LYS C 82 46.10 -1.99 14.10
N GLY C 83 46.14 -1.18 15.15
CA GLY C 83 46.83 0.09 15.09
C GLY C 83 46.12 1.19 14.32
N LYS C 84 44.86 0.97 13.97
CA LYS C 84 44.10 1.97 13.23
C LYS C 84 42.88 2.42 14.02
N ASP C 85 42.41 3.64 13.75
CA ASP C 85 41.22 4.14 14.43
C ASP C 85 40.03 3.46 13.76
N LEU C 86 39.35 2.60 14.51
CA LEU C 86 38.21 1.85 13.98
C LEU C 86 36.97 2.70 13.78
N LEU C 87 36.78 3.69 14.65
CA LEU C 87 35.62 4.57 14.59
C LEU C 87 35.51 5.39 13.31
N ALA C 88 36.60 5.46 12.54
CA ALA C 88 36.57 6.22 11.30
C ALA C 88 36.20 5.35 10.11
N LEU C 89 36.17 4.03 10.32
CA LEU C 89 35.86 3.09 9.25
C LEU C 89 34.36 2.77 9.12
N SER C 90 33.92 2.66 7.87
CA SER C 90 32.54 2.31 7.58
C SER C 90 32.41 0.85 8.00
N PRO C 91 31.18 0.34 8.14
CA PRO C 91 30.95 -1.05 8.54
C PRO C 91 31.68 -2.08 7.68
N GLU C 92 31.60 -1.91 6.36
CA GLU C 92 32.25 -2.85 5.44
C GLU C 92 33.78 -2.85 5.56
N ASP C 93 34.35 -1.69 5.87
CA ASP C 93 35.81 -1.63 6.03
C ASP C 93 36.23 -2.31 7.33
N ARG C 94 35.39 -2.19 8.36
CA ARG C 94 35.72 -2.83 9.63
C ARG C 94 35.73 -4.34 9.39
N ALA C 95 34.80 -4.81 8.55
CA ALA C 95 34.76 -6.24 8.23
C ALA C 95 36.01 -6.59 7.40
N GLY C 96 36.39 -5.69 6.50
CA GLY C 96 37.58 -5.94 5.70
C GLY C 96 38.78 -6.09 6.62
N GLU C 97 38.87 -5.21 7.62
CA GLU C 97 39.97 -5.24 8.59
C GLU C 97 39.96 -6.55 9.38
N GLY C 98 38.79 -7.15 9.53
CA GLY C 98 38.73 -8.41 10.26
C GLY C 98 37.75 -8.56 11.39
N ILE C 99 36.85 -7.60 11.58
CA ILE C 99 35.88 -7.71 12.65
C ILE C 99 34.57 -8.29 12.13
N PHE C 100 34.10 -9.34 12.79
CA PHE C 100 32.86 -10.01 12.41
C PHE C 100 31.97 -10.12 13.65
N MET C 101 30.70 -9.79 13.49
CA MET C 101 29.77 -9.87 14.60
C MET C 101 28.58 -10.80 14.35
N ALA C 102 28.42 -11.77 15.25
CA ALA C 102 27.30 -12.70 15.17
C ALA C 102 26.14 -11.95 15.84
N PHE C 103 25.13 -11.60 15.06
CA PHE C 103 23.97 -10.85 15.53
C PHE C 103 23.12 -11.57 16.55
N GLN C 104 22.52 -10.80 17.46
CA GLN C 104 21.62 -11.38 18.46
C GLN C 104 20.37 -11.75 17.66
N TYR C 105 20.10 -10.97 16.61
CA TYR C 105 18.95 -11.20 15.74
C TYR C 105 19.39 -11.19 14.27
N PRO C 106 19.93 -12.31 13.78
CA PRO C 106 20.37 -12.37 12.37
C PRO C 106 19.25 -11.92 11.43
N VAL C 107 19.60 -11.12 10.44
CA VAL C 107 18.63 -10.58 9.50
C VAL C 107 18.28 -11.48 8.31
N GLU C 108 17.00 -11.43 7.92
CA GLU C 108 16.53 -12.19 6.77
C GLU C 108 16.68 -11.30 5.53
N ILE C 109 17.23 -11.87 4.47
CA ILE C 109 17.44 -11.15 3.22
C ILE C 109 16.65 -11.86 2.11
N PRO C 110 15.34 -11.63 2.03
CA PRO C 110 14.56 -12.31 0.99
C PRO C 110 15.00 -11.93 -0.42
N GLY C 111 15.15 -12.95 -1.26
CA GLY C 111 15.57 -12.72 -2.64
C GLY C 111 17.06 -12.80 -2.84
N VAL C 112 17.81 -13.00 -1.75
CA VAL C 112 19.26 -13.11 -1.83
C VAL C 112 19.70 -14.44 -1.23
N SER C 113 20.19 -15.34 -2.07
CA SER C 113 20.63 -16.65 -1.64
C SER C 113 21.87 -16.58 -0.76
N ASN C 114 22.03 -17.54 0.15
CA ASN C 114 23.19 -17.58 1.02
C ASN C 114 24.44 -17.66 0.15
N GLN C 115 24.35 -18.43 -0.94
CA GLN C 115 25.48 -18.59 -1.85
C GLN C 115 25.92 -17.27 -2.45
N PHE C 116 24.97 -16.51 -2.99
CA PHE C 116 25.29 -15.23 -3.61
C PHE C 116 25.84 -14.28 -2.54
N PHE C 117 25.21 -14.31 -1.37
CA PHE C 117 25.61 -13.46 -0.24
C PHE C 117 27.03 -13.74 0.20
N LEU C 118 27.30 -14.99 0.58
CA LEU C 118 28.62 -15.41 1.04
C LEU C 118 29.69 -15.16 -0.01
N GLN C 119 29.38 -15.50 -1.25
CA GLN C 119 30.31 -15.34 -2.36
C GLN C 119 30.67 -13.86 -2.51
N THR C 120 29.66 -13.01 -2.50
CA THR C 120 29.87 -11.56 -2.65
C THR C 120 30.68 -11.02 -1.46
N ALA C 121 30.33 -11.45 -0.26
CA ALA C 121 31.01 -11.01 0.95
C ALA C 121 32.47 -11.46 0.95
N LEU C 122 32.70 -12.73 0.62
CA LEU C 122 34.06 -13.27 0.58
C LEU C 122 34.93 -12.51 -0.43
N ASN C 123 34.42 -12.33 -1.65
CA ASN C 123 35.18 -11.58 -2.66
C ASN C 123 35.53 -10.21 -2.13
N ALA C 124 34.53 -9.54 -1.54
CA ALA C 124 34.72 -8.20 -0.99
C ALA C 124 35.86 -8.10 0.03
N VAL C 125 35.82 -8.93 1.07
CA VAL C 125 36.88 -8.86 2.09
C VAL C 125 38.20 -9.39 1.55
N ARG C 126 38.13 -10.29 0.58
CA ARG C 126 39.36 -10.81 0.00
C ARG C 126 39.98 -9.69 -0.83
N SER C 127 39.15 -8.98 -1.60
CA SER C 127 39.64 -7.87 -2.41
C SER C 127 40.32 -6.93 -1.42
N TYR C 128 39.54 -6.43 -0.46
CA TYR C 128 40.08 -5.58 0.60
C TYR C 128 41.04 -6.62 1.16
N ARG C 129 42.12 -6.23 1.85
CA ARG C 129 43.01 -7.28 2.38
C ARG C 129 43.98 -7.75 1.29
N GLY C 130 43.73 -7.31 0.05
CA GLY C 130 44.58 -7.63 -1.07
C GLY C 130 44.87 -9.07 -1.45
N GLN C 131 43.86 -9.93 -1.43
CA GLN C 131 44.07 -11.33 -1.82
C GLN C 131 43.00 -11.75 -2.82
N GLU C 132 43.07 -12.99 -3.27
CA GLU C 132 42.08 -13.47 -4.22
C GLU C 132 41.05 -14.35 -3.55
N THR C 133 39.89 -14.47 -4.19
CA THR C 133 38.83 -15.28 -3.64
C THR C 133 38.89 -16.68 -4.16
N LEU C 134 38.14 -17.53 -3.49
CA LEU C 134 38.13 -18.93 -3.84
C LEU C 134 37.69 -19.11 -5.30
N ASP C 135 37.78 -20.34 -5.83
CA ASP C 135 37.31 -20.54 -7.20
C ASP C 135 35.95 -21.24 -7.21
N ARG C 136 34.96 -20.59 -7.83
CA ARG C 136 33.59 -21.09 -7.87
C ARG C 136 33.45 -22.47 -7.22
N PHE C 137 33.75 -23.56 -7.91
CA PHE C 137 33.64 -24.90 -7.31
C PHE C 137 34.33 -25.05 -5.92
N ASP C 138 35.49 -24.42 -5.72
CA ASP C 138 36.16 -24.49 -4.41
C ASP C 138 35.24 -23.84 -3.38
N PHE C 139 34.69 -22.68 -3.69
CA PHE C 139 33.81 -22.02 -2.76
C PHE C 139 32.77 -23.01 -2.24
N GLN C 140 32.34 -23.92 -3.11
CA GLN C 140 31.34 -24.90 -2.72
C GLN C 140 31.89 -26.00 -1.79
N ASP C 141 33.13 -26.43 -2.04
CA ASP C 141 33.76 -27.46 -1.21
C ASP C 141 33.91 -26.89 0.20
N LEU C 142 34.03 -25.59 0.29
CA LEU C 142 34.18 -24.90 1.56
C LEU C 142 32.83 -24.87 2.26
N MET C 143 31.80 -24.51 1.50
CA MET C 143 30.45 -24.42 2.02
C MET C 143 30.03 -25.76 2.61
N GLU C 144 29.97 -26.78 1.75
CA GLU C 144 29.57 -28.12 2.17
C GLU C 144 30.18 -28.45 3.53
N GLU C 145 31.50 -28.28 3.63
CA GLU C 145 32.24 -28.55 4.85
C GLU C 145 31.65 -27.80 6.04
N LYS C 146 31.28 -26.54 5.83
CA LYS C 146 30.70 -25.73 6.89
C LYS C 146 29.23 -26.05 7.16
N ILE C 147 28.47 -26.29 6.10
CA ILE C 147 27.06 -26.64 6.27
C ILE C 147 26.99 -27.88 7.14
N ALA C 148 27.99 -28.74 7.00
CA ALA C 148 28.06 -29.99 7.77
C ALA C 148 28.50 -29.69 9.20
N LEU C 149 29.54 -28.87 9.33
CA LEU C 149 30.08 -28.51 10.64
C LEU C 149 29.00 -27.95 11.56
N LEU C 150 28.05 -27.20 10.99
CA LEU C 150 26.99 -26.60 11.78
C LEU C 150 25.62 -27.23 11.63
N LYS C 151 25.58 -28.45 11.08
CA LYS C 151 24.33 -29.18 10.90
C LYS C 151 23.28 -28.30 10.20
N MET C 152 23.68 -27.68 9.11
CA MET C 152 22.80 -26.81 8.33
C MET C 152 22.12 -27.56 7.19
N PRO C 153 20.96 -27.06 6.73
CA PRO C 153 20.23 -27.70 5.63
C PRO C 153 21.11 -27.81 4.40
N GLU C 154 21.13 -28.97 3.78
CA GLU C 154 21.96 -29.19 2.59
C GLU C 154 21.58 -28.25 1.45
N ASP C 155 20.39 -27.69 1.50
CA ASP C 155 19.93 -26.78 0.47
C ASP C 155 20.09 -25.33 0.92
N LEU C 156 21.16 -25.06 1.66
CA LEU C 156 21.43 -23.73 2.18
C LEU C 156 21.75 -22.72 1.08
N LEU C 157 22.71 -23.07 0.23
CA LEU C 157 23.16 -22.20 -0.85
C LEU C 157 22.08 -21.56 -1.71
N THR C 158 20.99 -22.30 -1.97
CA THR C 158 19.93 -21.78 -2.83
C THR C 158 18.82 -21.02 -2.11
N ARG C 159 18.71 -21.22 -0.80
CA ARG C 159 17.67 -20.54 -0.04
C ARG C 159 18.07 -19.09 0.24
N SER C 160 17.08 -18.25 0.56
CA SER C 160 17.32 -16.85 0.86
C SER C 160 17.81 -16.71 2.30
N VAL C 161 18.90 -15.96 2.46
CA VAL C 161 19.53 -15.74 3.76
C VAL C 161 18.58 -15.68 4.95
N ASN C 162 18.61 -16.74 5.76
CA ASN C 162 17.80 -16.85 6.97
C ASN C 162 16.27 -16.89 6.83
N VAL C 163 15.76 -16.85 5.61
CA VAL C 163 14.32 -16.90 5.43
C VAL C 163 13.80 -18.28 5.81
N GLY C 164 12.79 -18.34 6.67
CA GLY C 164 12.22 -19.60 7.08
C GLY C 164 13.03 -20.34 8.13
N PHE C 165 14.05 -19.67 8.67
CA PHE C 165 14.91 -20.26 9.68
C PHE C 165 14.42 -19.95 11.10
N SER C 166 14.59 -20.92 11.99
CA SER C 166 14.21 -20.71 13.38
C SER C 166 15.31 -19.83 13.96
N GLY C 167 15.13 -19.37 15.20
CA GLY C 167 16.15 -18.54 15.83
C GLY C 167 17.44 -19.33 15.93
N GLY C 168 17.32 -20.59 16.35
CA GLY C 168 18.49 -21.44 16.50
C GLY C 168 19.24 -21.67 15.21
N GLU C 169 18.51 -21.76 14.10
CA GLU C 169 19.13 -21.99 12.81
C GLU C 169 19.83 -20.73 12.32
N LYS C 170 19.26 -19.58 12.64
CA LYS C 170 19.85 -18.31 12.23
C LYS C 170 21.18 -18.08 12.94
N LYS C 171 21.26 -18.49 14.21
CA LYS C 171 22.49 -18.34 14.98
C LYS C 171 23.56 -19.21 14.35
N ARG C 172 23.18 -20.45 14.02
CA ARG C 172 24.14 -21.36 13.41
C ARG C 172 24.60 -20.87 12.05
N ASN C 173 23.70 -20.23 11.32
CA ASN C 173 24.06 -19.71 10.01
C ASN C 173 25.14 -18.64 10.17
N ASP C 174 24.98 -17.78 11.16
CA ASP C 174 25.95 -16.72 11.42
C ASP C 174 27.34 -17.29 11.71
N ILE C 175 27.39 -18.43 12.41
CA ILE C 175 28.68 -19.04 12.72
C ILE C 175 29.28 -19.60 11.43
N LEU C 176 28.43 -20.13 10.55
CA LEU C 176 28.90 -20.65 9.27
C LEU C 176 29.53 -19.49 8.48
N GLN C 177 28.88 -18.33 8.55
CA GLN C 177 29.39 -17.14 7.88
C GLN C 177 30.76 -16.82 8.46
N MET C 178 30.85 -16.89 9.78
CA MET C 178 32.10 -16.62 10.50
C MET C 178 33.22 -17.53 10.01
N ALA C 179 32.93 -18.82 9.87
CA ALA C 179 33.92 -19.80 9.42
C ALA C 179 34.30 -19.63 7.95
N VAL C 180 33.39 -19.13 7.14
CA VAL C 180 33.66 -18.95 5.72
C VAL C 180 34.40 -17.65 5.39
N LEU C 181 34.04 -16.57 6.08
CA LEU C 181 34.65 -15.26 5.83
C LEU C 181 35.98 -15.03 6.56
N GLU C 182 36.34 -15.97 7.43
CA GLU C 182 37.57 -15.93 8.21
C GLU C 182 38.04 -14.57 8.73
N PRO C 183 37.37 -14.05 9.77
CA PRO C 183 37.70 -12.76 10.39
C PRO C 183 38.83 -12.91 11.42
N GLU C 184 39.31 -11.80 11.94
CA GLU C 184 40.38 -11.82 12.95
C GLU C 184 39.83 -11.66 14.36
N LEU C 185 38.78 -10.86 14.48
CA LEU C 185 38.14 -10.64 15.78
C LEU C 185 36.66 -10.98 15.64
N CYS C 186 36.22 -12.03 16.32
CA CYS C 186 34.84 -12.47 16.27
C CYS C 186 34.07 -12.07 17.52
N ILE C 187 32.98 -11.33 17.31
CA ILE C 187 32.15 -10.86 18.40
C ILE C 187 30.78 -11.56 18.39
N LEU C 188 30.45 -12.24 19.48
CA LEU C 188 29.15 -12.91 19.57
C LEU C 188 28.31 -11.95 20.42
N ASP C 189 27.41 -11.21 19.76
CA ASP C 189 26.58 -10.26 20.48
C ASP C 189 25.33 -10.92 21.04
N GLU C 190 25.47 -11.53 22.21
CA GLU C 190 24.38 -12.23 22.88
C GLU C 190 23.75 -13.23 21.93
N SER C 191 24.56 -13.79 21.04
CA SER C 191 24.07 -14.75 20.07
C SER C 191 23.82 -16.14 20.68
N ASP C 192 23.95 -16.25 22.01
CA ASP C 192 23.69 -17.51 22.71
C ASP C 192 22.24 -17.51 23.18
N SER C 193 21.61 -16.35 23.08
CA SER C 193 20.22 -16.19 23.50
C SER C 193 19.26 -17.16 22.82
N GLY C 194 18.42 -17.80 23.62
CA GLY C 194 17.44 -18.72 23.08
C GLY C 194 17.96 -20.08 22.66
N LEU C 195 19.25 -20.35 22.91
CA LEU C 195 19.84 -21.64 22.53
C LEU C 195 19.96 -22.60 23.71
N ASP C 196 19.71 -23.88 23.44
CA ASP C 196 19.82 -24.91 24.47
C ASP C 196 21.17 -25.61 24.35
N ILE C 197 21.43 -26.54 25.27
CA ILE C 197 22.69 -27.27 25.28
C ILE C 197 23.10 -27.81 23.90
N ASP C 198 22.14 -28.37 23.17
CA ASP C 198 22.42 -28.94 21.86
C ASP C 198 22.88 -27.90 20.83
N ALA C 199 22.13 -26.82 20.69
CA ALA C 199 22.49 -25.78 19.73
C ALA C 199 23.77 -25.09 20.19
N LEU C 200 23.87 -24.87 21.50
CA LEU C 200 25.03 -24.23 22.09
C LEU C 200 26.28 -25.02 21.75
N LYS C 201 26.16 -26.34 21.82
CA LYS C 201 27.26 -27.24 21.54
C LYS C 201 27.68 -27.18 20.06
N VAL C 202 26.70 -27.09 19.17
CA VAL C 202 27.00 -27.00 17.74
C VAL C 202 27.66 -25.66 17.45
N VAL C 203 27.11 -24.60 18.03
CA VAL C 203 27.65 -23.26 17.84
C VAL C 203 29.08 -23.23 18.38
N ALA C 204 29.29 -23.89 19.51
CA ALA C 204 30.61 -23.94 20.13
C ALA C 204 31.60 -24.63 19.21
N ASP C 205 31.19 -25.75 18.59
CA ASP C 205 32.07 -26.48 17.69
C ASP C 205 32.45 -25.61 16.51
N GLY C 206 31.56 -24.71 16.14
CA GLY C 206 31.84 -23.84 15.02
C GLY C 206 32.85 -22.77 15.39
N VAL C 207 32.62 -22.11 16.51
CA VAL C 207 33.51 -21.04 16.98
C VAL C 207 34.87 -21.61 17.37
N ASN C 208 34.88 -22.66 18.17
CA ASN C 208 36.13 -23.28 18.62
C ASN C 208 37.00 -23.70 17.45
N SER C 209 36.39 -24.21 16.39
CA SER C 209 37.15 -24.65 15.22
C SER C 209 37.93 -23.49 14.63
N LEU C 210 37.55 -22.27 15.01
CA LEU C 210 38.21 -21.06 14.50
C LEU C 210 39.40 -20.62 15.36
N ARG C 211 39.60 -21.28 16.50
CA ARG C 211 40.71 -20.94 17.38
C ARG C 211 42.03 -21.41 16.79
N ASP C 212 42.85 -20.47 16.35
CA ASP C 212 44.13 -20.82 15.76
C ASP C 212 45.26 -20.15 16.52
N GLY C 213 44.95 -19.56 17.65
CA GLY C 213 45.95 -18.89 18.45
C GLY C 213 46.22 -17.46 18.02
N LYS C 214 45.61 -17.04 16.92
CA LYS C 214 45.79 -15.68 16.43
C LYS C 214 44.48 -14.89 16.50
N ARG C 215 43.40 -15.51 16.04
CA ARG C 215 42.10 -14.85 16.09
C ARG C 215 41.70 -14.64 17.54
N SER C 216 40.92 -13.60 17.79
CA SER C 216 40.45 -13.31 19.13
C SER C 216 38.92 -13.31 19.12
N PHE C 217 38.32 -13.49 20.29
CA PHE C 217 36.88 -13.57 20.43
C PHE C 217 36.35 -12.76 21.61
N ILE C 218 35.21 -12.11 21.40
CA ILE C 218 34.56 -11.35 22.46
C ILE C 218 33.16 -11.93 22.57
N ILE C 219 32.86 -12.55 23.70
CA ILE C 219 31.54 -13.13 23.90
C ILE C 219 30.69 -12.24 24.79
N VAL C 220 29.77 -11.48 24.20
CA VAL C 220 28.89 -10.62 24.98
C VAL C 220 27.74 -11.57 25.32
N THR C 221 27.79 -12.12 26.53
CA THR C 221 26.82 -13.10 26.98
C THR C 221 25.41 -12.63 27.24
N HIS C 222 24.45 -13.49 26.91
CA HIS C 222 23.05 -13.22 27.19
C HIS C 222 22.97 -13.93 28.54
N TYR C 223 23.59 -15.11 28.59
CA TYR C 223 23.67 -15.91 29.81
C TYR C 223 25.02 -16.63 29.85
N GLN C 224 25.39 -17.14 31.02
CA GLN C 224 26.69 -17.79 31.25
C GLN C 224 26.93 -19.16 30.64
N ARG C 225 25.88 -19.95 30.46
CA ARG C 225 26.04 -21.31 29.93
C ARG C 225 26.90 -21.47 28.68
N ILE C 226 26.90 -20.47 27.81
CA ILE C 226 27.72 -20.56 26.60
C ILE C 226 29.20 -20.73 26.95
N LEU C 227 29.61 -20.13 28.06
CA LEU C 227 31.01 -20.19 28.49
C LEU C 227 31.48 -21.57 28.95
N ASP C 228 30.55 -22.54 29.04
CA ASP C 228 30.95 -23.89 29.44
C ASP C 228 31.49 -24.61 28.20
N TYR C 229 31.11 -24.12 27.03
CA TYR C 229 31.52 -24.72 25.78
C TYR C 229 32.58 -23.89 25.05
N ILE C 230 32.61 -22.60 25.35
CA ILE C 230 33.61 -21.71 24.76
C ILE C 230 34.26 -21.01 25.95
N LYS C 231 35.15 -21.74 26.63
CA LYS C 231 35.83 -21.22 27.81
C LYS C 231 36.66 -19.98 27.53
N PRO C 232 36.36 -18.87 28.22
CA PRO C 232 37.09 -17.62 28.04
C PRO C 232 38.38 -17.57 28.85
N ASP C 233 39.31 -16.73 28.41
CA ASP C 233 40.57 -16.55 29.09
C ASP C 233 40.37 -15.37 30.04
N TYR C 234 39.48 -14.47 29.63
CA TYR C 234 39.16 -13.27 30.41
C TYR C 234 37.65 -13.12 30.55
N VAL C 235 37.22 -12.63 31.71
CA VAL C 235 35.81 -12.41 31.98
C VAL C 235 35.70 -10.99 32.51
N HIS C 236 34.75 -10.23 31.98
CA HIS C 236 34.56 -8.85 32.38
C HIS C 236 33.12 -8.57 32.78
N VAL C 237 32.93 -7.74 33.80
CA VAL C 237 31.60 -7.40 34.27
C VAL C 237 31.30 -5.92 34.05
N LEU C 238 30.16 -5.64 33.42
CA LEU C 238 29.72 -4.28 33.14
C LEU C 238 28.83 -3.73 34.25
N TYR C 239 28.97 -2.43 34.51
CA TYR C 239 28.19 -1.73 35.52
C TYR C 239 28.07 -0.28 35.03
N GLN C 240 26.85 0.15 34.71
CA GLN C 240 26.61 1.49 34.19
C GLN C 240 27.58 1.92 33.08
N GLY C 241 27.73 1.09 32.06
CA GLY C 241 28.60 1.42 30.94
C GLY C 241 30.09 1.41 31.18
N ARG C 242 30.54 0.69 32.20
CA ARG C 242 31.96 0.59 32.53
C ARG C 242 32.27 -0.84 32.96
N ILE C 243 33.49 -1.29 32.69
CA ILE C 243 33.89 -2.61 33.14
C ILE C 243 34.45 -2.35 34.55
N VAL C 244 33.84 -2.96 35.56
CA VAL C 244 34.27 -2.75 36.93
C VAL C 244 34.92 -3.97 37.58
N LYS C 245 35.09 -5.04 36.81
CA LYS C 245 35.71 -6.25 37.34
C LYS C 245 36.15 -7.17 36.22
N SER C 246 37.38 -7.69 36.32
CA SER C 246 37.94 -8.58 35.32
C SER C 246 38.64 -9.74 36.02
N GLY C 247 38.68 -10.89 35.35
CA GLY C 247 39.33 -12.07 35.92
C GLY C 247 39.38 -13.17 34.87
N ASP C 248 39.68 -14.40 35.27
CA ASP C 248 39.70 -15.49 34.32
C ASP C 248 38.40 -16.25 34.46
N PHE C 249 38.29 -17.42 33.84
CA PHE C 249 37.04 -18.17 33.91
C PHE C 249 36.50 -18.41 35.31
N THR C 250 37.38 -18.61 36.29
CA THR C 250 36.93 -18.86 37.66
C THR C 250 36.06 -17.73 38.23
N LEU C 251 36.16 -16.54 37.63
CA LEU C 251 35.36 -15.40 38.10
C LEU C 251 33.85 -15.67 37.98
N VAL C 252 33.45 -16.43 36.98
CA VAL C 252 32.02 -16.74 36.79
C VAL C 252 31.42 -17.39 38.02
N LYS C 253 32.12 -18.34 38.61
CA LYS C 253 31.64 -19.02 39.81
C LYS C 253 31.60 -18.04 40.99
N GLN C 254 32.55 -17.12 41.03
CA GLN C 254 32.62 -16.12 42.08
C GLN C 254 31.42 -15.18 42.03
N LEU C 255 30.98 -14.87 40.81
CA LEU C 255 29.86 -13.95 40.63
C LEU C 255 28.54 -14.56 41.10
N GLU C 256 28.48 -15.89 41.11
CA GLU C 256 27.27 -16.59 41.57
C GLU C 256 27.05 -16.31 43.05
N GLU C 257 28.15 -16.14 43.79
CA GLU C 257 28.07 -15.86 45.22
C GLU C 257 27.55 -14.46 45.50
N GLN C 258 27.49 -13.63 44.47
CA GLN C 258 27.00 -12.26 44.62
C GLN C 258 25.48 -12.22 44.53
N GLY C 259 24.89 -13.33 44.09
CA GLY C 259 23.44 -13.41 43.96
C GLY C 259 22.81 -12.54 42.87
N TYR C 260 23.59 -12.13 41.88
CA TYR C 260 23.07 -11.29 40.80
C TYR C 260 21.92 -11.97 40.06
N GLY C 261 20.84 -11.24 39.85
CA GLY C 261 19.70 -11.79 39.14
C GLY C 261 19.94 -12.00 37.64
N TRP C 262 20.86 -11.24 37.06
CA TRP C 262 21.14 -11.36 35.64
C TRP C 262 22.07 -12.51 35.30
N LEU C 263 22.75 -13.01 36.33
CA LEU C 263 23.69 -14.08 36.14
C LEU C 263 23.10 -15.34 35.57
N THR C 264 21.87 -15.65 35.97
CA THR C 264 21.29 -16.85 35.43
C THR C 264 19.89 -16.58 34.90
N GLU C 265 19.38 -17.66 34.31
CA GLU C 265 18.05 -17.87 33.65
C GLU C 265 17.66 -17.40 32.20
N GLN C 266 17.87 -18.29 31.22
CA GLN C 266 17.65 -18.05 29.82
C GLN C 266 16.19 -18.51 29.57
N TYR D 105 -8.32 -33.05 3.66
CA TYR D 105 -8.16 -31.57 3.75
C TYR D 105 -9.34 -30.86 4.45
N PRO D 106 -9.36 -30.92 5.79
CA PRO D 106 -10.41 -30.27 6.58
C PRO D 106 -10.48 -28.78 6.25
N VAL D 107 -11.70 -28.23 6.21
CA VAL D 107 -11.90 -26.81 5.89
C VAL D 107 -11.86 -25.93 7.13
N GLU D 108 -11.28 -24.73 6.99
CA GLU D 108 -11.19 -23.78 8.09
C GLU D 108 -12.34 -22.77 7.99
N ILE D 109 -12.89 -22.40 9.14
CA ILE D 109 -13.98 -21.45 9.18
C ILE D 109 -13.71 -20.43 10.28
N PRO D 110 -12.89 -19.42 9.97
CA PRO D 110 -12.55 -18.38 10.95
C PRO D 110 -13.80 -17.65 11.45
N GLY D 111 -13.78 -17.29 12.72
CA GLY D 111 -14.91 -16.57 13.29
C GLY D 111 -16.01 -17.46 13.84
N VAL D 112 -15.91 -18.76 13.57
CA VAL D 112 -16.90 -19.71 14.05
C VAL D 112 -16.23 -20.80 14.90
N SER D 113 -16.52 -20.79 16.19
CA SER D 113 -15.93 -21.76 17.12
C SER D 113 -16.57 -23.14 16.96
N ASN D 114 -15.77 -24.19 17.18
CA ASN D 114 -16.28 -25.55 17.06
C ASN D 114 -17.55 -25.68 17.88
N GLN D 115 -17.53 -25.10 19.08
CA GLN D 115 -18.67 -25.13 19.97
C GLN D 115 -19.94 -24.72 19.24
N PHE D 116 -19.93 -23.52 18.65
CA PHE D 116 -21.09 -23.03 17.91
C PHE D 116 -21.28 -23.93 16.70
N PHE D 117 -20.18 -24.36 16.10
CA PHE D 117 -20.22 -25.22 14.93
C PHE D 117 -20.90 -26.56 15.25
N LEU D 118 -20.32 -27.30 16.21
CA LEU D 118 -20.85 -28.60 16.64
C LEU D 118 -22.28 -28.49 17.15
N GLN D 119 -22.51 -27.57 18.08
CA GLN D 119 -23.84 -27.38 18.65
C GLN D 119 -24.88 -27.16 17.57
N THR D 120 -24.53 -26.37 16.55
CA THR D 120 -25.44 -26.07 15.46
C THR D 120 -25.66 -27.28 14.57
N ALA D 121 -24.59 -28.03 14.31
CA ALA D 121 -24.68 -29.23 13.47
C ALA D 121 -25.46 -30.33 14.17
N LEU D 122 -25.22 -30.48 15.47
CA LEU D 122 -25.91 -31.49 16.27
C LEU D 122 -27.41 -31.25 16.29
N ASN D 123 -27.82 -30.07 16.76
CA ASN D 123 -29.23 -29.74 16.83
C ASN D 123 -29.89 -29.81 15.45
N ALA D 124 -29.06 -29.80 14.41
CA ALA D 124 -29.55 -29.86 13.04
C ALA D 124 -29.88 -31.30 12.63
N VAL D 125 -29.06 -32.25 13.09
CA VAL D 125 -29.28 -33.65 12.76
C VAL D 125 -30.19 -34.34 13.79
N ASP D 174 -12.13 -34.49 11.95
CA ASP D 174 -13.36 -34.99 11.29
C ASP D 174 -14.00 -36.16 12.05
N ILE D 175 -13.23 -37.21 12.31
CA ILE D 175 -13.76 -38.36 13.03
C ILE D 175 -14.34 -37.85 14.35
N LEU D 176 -13.71 -36.82 14.90
CA LEU D 176 -14.16 -36.22 16.14
C LEU D 176 -15.60 -35.74 15.97
N GLN D 177 -15.87 -35.11 14.83
CA GLN D 177 -17.21 -34.63 14.52
C GLN D 177 -18.10 -35.84 14.27
N MET D 178 -17.50 -36.88 13.70
CA MET D 178 -18.22 -38.12 13.40
C MET D 178 -18.66 -38.78 14.71
N ALA D 179 -17.81 -38.69 15.72
CA ALA D 179 -18.09 -39.28 17.03
C ALA D 179 -19.06 -38.41 17.81
N VAL D 180 -18.90 -37.10 17.70
CA VAL D 180 -19.76 -36.15 18.40
C VAL D 180 -21.12 -36.03 17.73
N LEU D 181 -21.18 -36.23 16.43
CA LEU D 181 -22.43 -36.13 15.69
C LEU D 181 -23.08 -37.48 15.49
N GLU D 182 -22.32 -38.54 15.76
CA GLU D 182 -22.81 -39.90 15.63
C GLU D 182 -23.76 -40.11 14.45
N PRO D 183 -23.20 -40.37 13.26
CA PRO D 183 -24.01 -40.57 12.05
C PRO D 183 -24.56 -42.00 11.97
N VAL D 202 -4.95 -44.76 14.64
CA VAL D 202 -5.70 -43.87 15.58
C VAL D 202 -7.06 -43.49 15.00
N VAL D 203 -7.12 -43.36 13.68
CA VAL D 203 -8.35 -43.01 12.99
C VAL D 203 -9.35 -44.15 13.17
N ALA D 204 -8.85 -45.37 13.01
CA ALA D 204 -9.67 -46.57 13.14
C ALA D 204 -10.32 -46.63 14.52
N ASP D 205 -9.50 -46.55 15.56
CA ASP D 205 -10.01 -46.61 16.93
C ASP D 205 -11.08 -45.54 17.15
N GLY D 206 -11.07 -44.51 16.31
CA GLY D 206 -12.05 -43.46 16.43
C GLY D 206 -13.29 -43.82 15.64
N VAL D 207 -13.09 -44.55 14.54
CA VAL D 207 -14.18 -44.99 13.69
C VAL D 207 -14.84 -46.26 14.24
N ASN D 208 -14.01 -47.20 14.67
CA ASN D 208 -14.49 -48.47 15.20
C ASN D 208 -15.35 -48.28 16.45
N SER D 209 -15.01 -47.30 17.27
CA SER D 209 -15.77 -47.05 18.49
C SER D 209 -17.21 -46.66 18.14
N LEU D 210 -17.43 -46.26 16.89
CA LEU D 210 -18.76 -45.86 16.43
C LEU D 210 -19.54 -47.03 15.85
N ARG D 211 -18.97 -48.23 15.94
CA ARG D 211 -19.63 -49.42 15.42
C ARG D 211 -20.65 -50.00 16.39
N ASP D 212 -21.91 -49.63 16.21
CA ASP D 212 -22.99 -50.12 17.05
C ASP D 212 -23.96 -50.95 16.19
O1 MES E . 17.98 2.30 23.42
C2 MES E . 17.86 0.88 23.50
C3 MES E . 19.20 0.26 23.88
N4 MES E . 19.61 0.77 25.19
C5 MES E . 19.66 2.23 25.16
C6 MES E . 18.30 2.77 24.73
C7 MES E . 20.95 0.24 25.53
C8 MES E . 20.91 -1.28 25.57
S MES E . 22.55 -1.93 25.98
O1S MES E . 22.95 -1.42 27.29
O2S MES E . 23.50 -1.49 24.97
O3S MES E . 22.50 -3.38 26.02
#